data_5XNX
#
_entry.id   5XNX
#
_cell.length_a   161.710
_cell.length_b   161.710
_cell.length_c   75.560
_cell.angle_alpha   90.00
_cell.angle_beta   90.00
_cell.angle_gamma   120.00
#
_symmetry.space_group_name_H-M   'P 32'
#
loop_
_entity.id
_entity.type
_entity.pdbx_description
1 polymer 'Bifunctional (p)ppGpp synthase/hydrolase RelA'
2 non-polymer 'MAGNESIUM ION'
#
_entity_poly.entity_id   1
_entity_poly.type   'polypeptide(L)'
_entity_poly.pdbx_seq_one_letter_code
;MTAQRSTTNPVLEPLVAVHREIYPKADLSILQRAYEVADQRHASQLRQSGDPYITHPLAVANILAELGMDTTTLVAALLH
DTVEDTGYTLEALTEEFGEEVGHLVDGVTKLDRVVLGSAAEGETIRKMITAMARDPRVLVIKVADRLHNMRTMRFLPPEK
QARKARETLEVIAPLAHRLGMASVKWELEDLSFAILHPKKYEEIVRLVAGRAPSRDTYLAKVRAEIVNTLTASKIKATVE
GRPKHYWSIYQKMIVKGRDFDDIHDLVGVRILCDEIRDCYAAVGVVHSLWQPMAGRFKDYIAQPRYGVYQSLHTTVVGPE
GKPLEVQIRTRDMHRTAEYGIAAHWRYKEAKGRNGVLHPHAAAEIDDMAWMRQLLDWQREAADPGEFLESLRYD
;
_entity_poly.pdbx_strand_id   A,B,C,D
#
loop_
_chem_comp.id
_chem_comp.type
_chem_comp.name
_chem_comp.formula
MG non-polymer 'MAGNESIUM ION' 'Mg 2'
#
# COMPACT_ATOMS: atom_id res chain seq x y z
N LEU A 12 -12.99 5.55 16.76
CA LEU A 12 -13.98 5.42 15.63
C LEU A 12 -14.82 6.68 15.45
N GLU A 13 -15.51 6.76 14.31
CA GLU A 13 -16.28 7.97 13.94
C GLU A 13 -17.55 8.28 14.75
N PRO A 14 -18.40 7.27 15.06
CA PRO A 14 -19.69 7.60 15.68
C PRO A 14 -19.64 8.07 17.14
N LEU A 15 -18.61 7.67 17.89
CA LEU A 15 -18.39 8.12 19.27
C LEU A 15 -18.43 9.64 19.42
N VAL A 16 -17.80 10.32 18.46
CA VAL A 16 -17.73 11.79 18.41
C VAL A 16 -19.13 12.43 18.25
N ALA A 17 -19.98 11.82 17.42
CA ALA A 17 -21.31 12.36 17.11
C ALA A 17 -22.22 12.49 18.34
N VAL A 18 -22.24 11.44 19.18
CA VAL A 18 -23.05 11.44 20.41
C VAL A 18 -22.53 12.45 21.44
N HIS A 19 -21.19 12.59 21.50
CA HIS A 19 -20.55 13.54 22.40
C HIS A 19 -20.75 15.00 21.95
N ARG A 20 -20.48 15.26 20.66
CA ARG A 20 -20.45 16.63 20.12
C ARG A 20 -21.76 17.40 20.23
N GLU A 21 -22.88 16.75 19.91
CA GLU A 21 -24.20 17.41 19.94
C GLU A 21 -24.65 17.87 21.34
N ILE A 22 -24.07 17.31 22.40
CA ILE A 22 -24.29 17.80 23.77
C ILE A 22 -23.74 19.22 23.89
N TYR A 23 -22.47 19.40 23.50
CA TYR A 23 -21.75 20.66 23.73
C TYR A 23 -20.77 20.93 22.58
N PRO A 24 -20.95 22.05 21.84
CA PRO A 24 -19.90 22.41 20.88
C PRO A 24 -18.64 22.80 21.65
N LYS A 25 -17.58 22.03 21.47
CA LYS A 25 -16.36 22.15 22.28
C LYS A 25 -15.11 22.25 21.41
N ALA A 26 -14.06 22.82 21.98
CA ALA A 26 -12.77 23.01 21.30
C ALA A 26 -11.80 21.88 21.62
N ASP A 27 -10.69 21.86 20.88
CA ASP A 27 -9.60 20.89 21.08
C ASP A 27 -10.07 19.44 20.89
N LEU A 28 -10.66 19.18 19.71
CA LEU A 28 -11.05 17.81 19.31
C LEU A 28 -9.85 16.87 19.14
N SER A 29 -8.70 17.45 18.77
CA SER A 29 -7.46 16.69 18.55
C SER A 29 -7.09 15.73 19.69
N ILE A 30 -7.37 16.13 20.93
CA ILE A 30 -7.04 15.30 22.10
C ILE A 30 -7.73 13.92 22.08
N LEU A 31 -9.01 13.88 21.71
CA LEU A 31 -9.76 12.60 21.65
C LEU A 31 -9.37 11.75 20.43
N GLN A 32 -8.91 12.40 19.36
CA GLN A 32 -8.28 11.70 18.23
C GLN A 32 -6.95 11.10 18.68
N ARG A 33 -6.13 11.91 19.34
CA ARG A 33 -4.88 11.44 19.98
C ARG A 33 -5.14 10.33 21.00
N ALA A 34 -6.21 10.47 21.77
CA ALA A 34 -6.57 9.49 22.79
C ALA A 34 -6.78 8.09 22.21
N TYR A 35 -7.70 7.97 21.26
CA TYR A 35 -7.98 6.68 20.62
C TYR A 35 -6.77 6.15 19.84
N GLU A 36 -6.15 7.01 19.03
CA GLU A 36 -4.99 6.63 18.21
C GLU A 36 -3.89 6.00 19.06
N VAL A 37 -3.43 6.72 20.08
CA VAL A 37 -2.37 6.26 20.98
C VAL A 37 -2.79 4.99 21.76
N ALA A 38 -4.08 4.88 22.08
CA ALA A 38 -4.64 3.67 22.71
C ALA A 38 -4.68 2.48 21.76
N ASP A 39 -5.08 2.73 20.51
CA ASP A 39 -5.15 1.69 19.46
C ASP A 39 -3.79 1.08 19.17
N GLN A 40 -2.77 1.93 19.05
CA GLN A 40 -1.38 1.49 18.87
C GLN A 40 -0.83 0.81 20.13
N ARG A 41 -1.20 1.32 21.30
CA ARG A 41 -0.78 0.74 22.58
C ARG A 41 -1.36 -0.66 22.80
N TYR A 53 -8.88 -7.44 20.50
CA TYR A 53 -10.01 -6.83 21.20
C TYR A 53 -9.58 -5.56 21.95
N ILE A 54 -9.74 -4.42 21.28
CA ILE A 54 -9.43 -3.09 21.87
C ILE A 54 -10.67 -2.20 21.99
N THR A 55 -11.87 -2.80 21.88
CA THR A 55 -13.13 -2.06 21.92
C THR A 55 -13.57 -1.64 23.33
N HIS A 56 -13.11 -2.35 24.37
CA HIS A 56 -13.54 -2.09 25.75
C HIS A 56 -13.39 -0.61 26.19
N PRO A 57 -12.21 0.00 25.95
CA PRO A 57 -12.06 1.44 26.22
C PRO A 57 -13.07 2.34 25.49
N LEU A 58 -13.16 2.20 24.17
CA LEU A 58 -14.07 3.03 23.36
C LEU A 58 -15.54 2.73 23.64
N ALA A 59 -15.87 1.44 23.80
CA ALA A 59 -17.23 1.01 24.15
C ALA A 59 -17.67 1.61 25.48
N VAL A 60 -16.77 1.62 26.46
CA VAL A 60 -16.97 2.35 27.71
C VAL A 60 -17.08 3.85 27.41
N ALA A 61 -16.10 4.39 26.70
CA ALA A 61 -16.09 5.82 26.31
C ALA A 61 -17.40 6.29 25.65
N ASN A 62 -18.10 5.38 24.98
CA ASN A 62 -19.42 5.65 24.41
C ASN A 62 -20.51 5.80 25.48
N ILE A 63 -20.66 4.78 26.33
CA ILE A 63 -21.67 4.83 27.44
C ILE A 63 -21.44 5.95 28.46
N LEU A 64 -20.19 6.41 28.59
CA LEU A 64 -19.90 7.64 29.34
C LEU A 64 -20.36 8.86 28.54
N ALA A 65 -20.04 8.89 27.24
CA ALA A 65 -20.51 9.95 26.34
C ALA A 65 -22.04 10.04 26.28
N GLU A 66 -22.71 8.89 26.37
CA GLU A 66 -24.18 8.84 26.49
C GLU A 66 -24.67 9.51 27.77
N LEU A 67 -23.99 9.29 28.89
CA LEU A 67 -24.26 10.02 30.13
C LEU A 67 -23.97 11.51 29.96
N GLY A 68 -22.86 11.81 29.27
CA GLY A 68 -22.50 13.18 28.90
C GLY A 68 -21.38 13.75 29.75
N MET A 69 -20.27 13.01 29.85
CA MET A 69 -19.12 13.41 30.66
C MET A 69 -18.16 14.33 29.89
N ASP A 70 -17.19 14.87 30.62
CA ASP A 70 -16.20 15.81 30.09
C ASP A 70 -15.26 15.12 29.11
N THR A 71 -14.85 15.83 28.05
CA THR A 71 -13.92 15.29 27.04
C THR A 71 -12.65 14.69 27.66
N THR A 72 -12.14 15.34 28.71
CA THR A 72 -11.00 14.83 29.49
C THR A 72 -11.31 13.43 30.06
N THR A 73 -12.51 13.28 30.61
CA THR A 73 -13.02 11.98 31.07
C THR A 73 -13.10 10.98 29.90
N LEU A 74 -13.58 11.43 28.74
CA LEU A 74 -13.61 10.60 27.52
C LEU A 74 -12.20 10.17 27.08
N VAL A 75 -11.23 11.08 27.19
CA VAL A 75 -9.82 10.78 26.87
C VAL A 75 -9.27 9.75 27.86
N ALA A 76 -9.38 10.07 29.16
CA ALA A 76 -8.88 9.20 30.22
C ALA A 76 -9.44 7.78 30.09
N ALA A 77 -10.78 7.69 30.09
CA ALA A 77 -11.45 6.40 29.91
C ALA A 77 -11.02 5.67 28.63
N LEU A 78 -10.37 6.39 27.72
CA LEU A 78 -9.77 5.80 26.53
C LEU A 78 -8.36 5.24 26.70
N LEU A 79 -7.65 5.65 27.77
CA LEU A 79 -6.30 5.16 28.05
C LEU A 79 -6.10 4.83 29.53
N HIS A 80 -7.14 4.27 30.17
CA HIS A 80 -7.07 3.95 31.60
C HIS A 80 -6.47 2.57 31.90
N ASP A 81 -6.83 1.58 31.08
CA ASP A 81 -6.36 0.21 31.26
C ASP A 81 -5.02 -0.10 30.56
N THR A 82 -4.45 0.87 29.84
CA THR A 82 -3.19 0.66 29.11
C THR A 82 -2.05 0.19 30.02
N VAL A 83 -1.85 0.87 31.15
CA VAL A 83 -0.63 0.69 31.98
C VAL A 83 -0.46 -0.75 32.48
N GLU A 84 -1.57 -1.42 32.82
CA GLU A 84 -1.51 -2.82 33.29
C GLU A 84 -1.22 -3.81 32.16
N ASP A 85 -1.81 -3.58 30.98
CA ASP A 85 -1.60 -4.44 29.81
C ASP A 85 -0.41 -4.03 28.93
N THR A 86 -0.01 -2.76 29.03
CA THR A 86 1.03 -2.18 28.17
C THR A 86 2.27 -1.83 29.00
N GLY A 87 3.45 -1.99 28.40
CA GLY A 87 4.72 -1.64 29.05
C GLY A 87 4.89 -0.16 29.39
N TYR A 88 4.19 0.71 28.67
CA TYR A 88 4.21 2.16 28.92
C TYR A 88 3.59 2.51 30.28
N THR A 89 4.15 3.53 30.92
CA THR A 89 3.82 3.90 32.31
C THR A 89 3.10 5.26 32.40
N LEU A 90 2.63 5.56 33.61
CA LEU A 90 1.87 6.79 33.87
C LEU A 90 2.68 8.08 33.66
N GLU A 91 3.96 8.04 34.01
CA GLU A 91 4.87 9.18 33.84
C GLU A 91 4.96 9.62 32.37
N ALA A 92 5.06 8.66 31.47
CA ALA A 92 5.01 8.91 30.04
C ALA A 92 3.62 9.37 29.61
N LEU A 93 2.60 8.69 30.14
CA LEU A 93 1.19 8.94 29.81
C LEU A 93 0.70 10.34 30.18
N THR A 94 0.98 10.77 31.42
CA THR A 94 0.56 12.09 31.91
C THR A 94 1.19 13.24 31.10
N GLU A 95 2.48 13.10 30.76
CA GLU A 95 3.19 14.10 29.93
C GLU A 95 2.52 14.42 28.60
N GLU A 96 1.95 13.39 27.97
CA GLU A 96 1.23 13.55 26.70
C GLU A 96 -0.09 14.30 26.87
N PHE A 97 -0.83 14.01 27.95
CA PHE A 97 -2.18 14.56 28.16
C PHE A 97 -2.38 15.42 29.43
N GLY A 98 -1.31 15.65 30.19
CA GLY A 98 -1.39 16.48 31.42
C GLY A 98 -1.75 15.71 32.68
N GLU A 99 -1.71 16.43 33.79
CA GLU A 99 -2.05 15.93 35.13
C GLU A 99 -3.46 15.33 35.34
N GLU A 100 -4.51 15.99 34.84
CA GLU A 100 -5.88 15.52 35.02
C GLU A 100 -6.06 14.06 34.59
N VAL A 101 -5.58 13.75 33.38
CA VAL A 101 -5.60 12.39 32.83
C VAL A 101 -4.67 11.47 33.64
N GLY A 102 -3.59 12.04 34.17
CA GLY A 102 -2.74 11.35 35.15
C GLY A 102 -3.51 10.90 36.39
N HIS A 103 -4.20 11.83 37.03
CA HIS A 103 -4.98 11.55 38.24
C HIS A 103 -6.12 10.56 38.02
N LEU A 104 -6.85 10.75 36.91
CA LEU A 104 -7.98 9.88 36.55
C LEU A 104 -7.58 8.43 36.34
N VAL A 105 -6.69 8.22 35.36
CA VAL A 105 -6.23 6.88 34.95
C VAL A 105 -5.59 6.11 36.12
N ASP A 106 -4.89 6.83 37.00
CA ASP A 106 -4.32 6.22 38.20
C ASP A 106 -5.43 5.92 39.20
N GLY A 107 -6.22 6.94 39.54
CA GLY A 107 -7.30 6.84 40.52
C GLY A 107 -8.24 5.66 40.31
N VAL A 108 -8.61 5.42 39.05
CA VAL A 108 -9.48 4.29 38.70
C VAL A 108 -8.79 2.93 38.86
N THR A 109 -7.51 2.85 38.46
CA THR A 109 -6.71 1.62 38.61
C THR A 109 -6.60 1.20 40.07
N LYS A 110 -6.41 2.19 40.95
CA LYS A 110 -6.32 1.96 42.40
C LYS A 110 -7.57 1.31 42.96
N LEU A 111 -8.73 1.72 42.47
CA LEU A 111 -9.99 1.02 42.77
C LEU A 111 -9.94 -0.39 42.19
N ASP A 112 -9.82 -1.38 43.09
CA ASP A 112 -9.76 -2.80 42.75
C ASP A 112 -11.05 -3.58 43.12
N ARG A 113 -10.99 -4.92 43.06
CA ARG A 113 -12.17 -5.76 43.28
C ARG A 113 -12.43 -6.01 44.76
N VAL A 114 -13.69 -5.86 45.17
CA VAL A 114 -14.10 -6.06 46.55
C VAL A 114 -15.22 -7.09 46.64
N VAL A 115 -14.98 -8.14 47.43
CA VAL A 115 -15.75 -9.40 47.42
C VAL A 115 -17.27 -9.25 47.62
N PRO A 136 -15.08 12.86 41.59
CA PRO A 136 -16.24 12.10 41.15
C PRO A 136 -16.15 11.58 39.71
N ARG A 137 -15.33 12.21 38.87
CA ARG A 137 -15.14 11.75 37.48
C ARG A 137 -14.51 10.35 37.41
N VAL A 138 -13.57 10.05 38.32
CA VAL A 138 -12.95 8.72 38.37
C VAL A 138 -13.98 7.64 38.68
N LEU A 139 -14.86 7.95 39.63
CA LEU A 139 -15.90 7.02 40.06
C LEU A 139 -16.87 6.65 38.94
N VAL A 140 -17.28 7.65 38.15
CA VAL A 140 -18.23 7.38 37.05
C VAL A 140 -17.61 6.51 35.96
N ILE A 141 -16.31 6.68 35.71
CA ILE A 141 -15.60 5.85 34.71
C ILE A 141 -15.61 4.38 35.14
N LYS A 142 -15.37 4.13 36.43
CA LYS A 142 -15.35 2.77 36.94
C LYS A 142 -16.68 2.05 36.81
N VAL A 143 -17.78 2.75 37.10
CA VAL A 143 -19.12 2.14 37.00
C VAL A 143 -19.45 1.74 35.56
N ALA A 144 -19.06 2.58 34.60
CA ALA A 144 -19.24 2.28 33.17
C ALA A 144 -18.49 1.02 32.74
N ASP A 145 -17.25 0.85 33.24
CA ASP A 145 -16.42 -0.33 32.95
C ASP A 145 -17.12 -1.61 33.42
N ARG A 146 -17.49 -1.65 34.69
CA ARG A 146 -18.15 -2.83 35.28
C ARG A 146 -19.50 -3.13 34.62
N LEU A 147 -20.24 -2.08 34.27
CA LEU A 147 -21.52 -2.23 33.56
C LEU A 147 -21.34 -2.90 32.18
N HIS A 148 -20.28 -2.53 31.45
CA HIS A 148 -19.96 -3.15 30.17
C HIS A 148 -19.58 -4.62 30.36
N ASN A 149 -18.54 -4.86 31.14
CA ASN A 149 -18.11 -6.23 31.46
C ASN A 149 -19.25 -7.12 31.95
N MET A 150 -20.20 -6.55 32.70
CA MET A 150 -21.42 -7.25 33.10
C MET A 150 -22.34 -7.56 31.91
N ARG A 151 -22.51 -6.59 31.00
CA ARG A 151 -23.30 -6.79 29.78
C ARG A 151 -22.79 -7.96 28.93
N THR A 152 -21.48 -8.03 28.74
CA THR A 152 -20.85 -9.07 27.90
C THR A 152 -20.08 -10.05 28.78
N MET A 153 -20.55 -11.31 28.84
CA MET A 153 -19.97 -12.34 29.72
C MET A 153 -19.77 -13.67 28.97
N ARG A 154 -18.97 -13.63 27.91
CA ARG A 154 -18.54 -14.84 27.20
C ARG A 154 -17.56 -15.67 28.06
N PHE A 155 -16.88 -15.03 29.01
CA PHE A 155 -16.01 -15.72 29.97
C PHE A 155 -16.82 -16.09 31.21
N LEU A 156 -17.62 -17.14 31.04
CA LEU A 156 -18.28 -17.84 32.13
C LEU A 156 -17.33 -18.66 33.02
N PRO A 157 -16.29 -19.31 32.43
CA PRO A 157 -15.36 -20.11 33.25
C PRO A 157 -14.73 -19.44 34.44
N PRO A 158 -14.32 -18.16 34.29
CA PRO A 158 -13.67 -17.55 35.46
C PRO A 158 -14.60 -17.49 36.65
N GLU A 159 -14.01 -17.46 37.85
CA GLU A 159 -14.77 -17.44 39.10
C GLU A 159 -15.65 -16.21 39.23
N LYS A 160 -15.27 -15.15 38.52
CA LYS A 160 -16.05 -13.92 38.50
C LYS A 160 -17.50 -14.10 38.06
N GLN A 161 -17.78 -14.98 37.09
CA GLN A 161 -19.15 -15.12 36.59
C GLN A 161 -20.19 -14.94 37.72
N ALA A 162 -20.00 -15.66 38.83
CA ALA A 162 -20.86 -15.54 40.00
C ALA A 162 -20.38 -14.44 40.94
N ARG A 163 -19.07 -14.36 41.12
CA ARG A 163 -18.45 -13.44 42.09
C ARG A 163 -18.56 -11.96 41.68
N LYS A 164 -18.14 -11.67 40.45
CA LYS A 164 -18.23 -10.32 39.89
C LYS A 164 -19.68 -9.82 39.96
N ALA A 165 -20.62 -10.71 39.67
CA ALA A 165 -22.06 -10.45 39.88
C ALA A 165 -22.37 -10.17 41.35
N ARG A 166 -21.89 -11.05 42.26
CA ARG A 166 -22.01 -10.83 43.71
C ARG A 166 -21.46 -9.47 44.15
N GLU A 167 -20.29 -9.12 43.61
CA GLU A 167 -19.64 -7.85 43.92
C GLU A 167 -20.50 -6.65 43.48
N THR A 168 -20.99 -6.68 42.24
CA THR A 168 -21.80 -5.57 41.72
C THR A 168 -23.06 -5.32 42.54
N LEU A 169 -23.79 -6.40 42.84
CA LEU A 169 -25.02 -6.29 43.65
C LEU A 169 -24.74 -5.74 45.05
N GLU A 170 -23.61 -6.15 45.65
CA GLU A 170 -23.24 -5.75 47.00
C GLU A 170 -22.77 -4.29 47.11
N VAL A 171 -21.91 -3.85 46.20
CA VAL A 171 -21.32 -2.49 46.24
C VAL A 171 -21.60 -1.60 45.02
N ILE A 172 -21.56 -2.17 43.81
CA ILE A 172 -21.61 -1.35 42.58
C ILE A 172 -23.05 -0.90 42.26
N ALA A 173 -24.05 -1.73 42.59
CA ALA A 173 -25.45 -1.33 42.51
C ALA A 173 -25.78 -0.18 43.48
N PRO A 174 -25.39 -0.31 44.78
CA PRO A 174 -25.58 0.87 45.66
C PRO A 174 -24.74 2.09 45.27
N LEU A 175 -23.47 1.88 44.87
CA LEU A 175 -22.58 2.96 44.43
C LEU A 175 -23.12 3.74 43.22
N ALA A 176 -23.64 3.01 42.24
CA ALA A 176 -24.28 3.60 41.06
C ALA A 176 -25.53 4.39 41.44
N HIS A 177 -26.36 3.77 42.28
CA HIS A 177 -27.58 4.39 42.79
C HIS A 177 -27.34 5.64 43.64
N ARG A 178 -26.32 5.59 44.50
CA ARG A 178 -25.97 6.71 45.41
C ARG A 178 -25.71 8.02 44.68
N LEU A 179 -24.95 7.95 43.58
CA LEU A 179 -24.65 9.13 42.76
C LEU A 179 -25.94 9.77 42.24
N GLY A 180 -26.91 8.90 41.92
CA GLY A 180 -28.18 9.29 41.30
C GLY A 180 -28.43 8.62 39.96
N MET A 181 -27.55 7.72 39.53
CA MET A 181 -27.66 7.02 38.27
C MET A 181 -28.43 5.71 38.47
N ALA A 182 -29.62 5.63 37.87
CA ALA A 182 -30.52 4.47 37.99
C ALA A 182 -30.41 3.54 36.77
N SER A 183 -30.50 4.12 35.57
CA SER A 183 -30.34 3.38 34.31
C SER A 183 -29.14 2.43 34.32
N VAL A 184 -28.04 2.88 34.91
CA VAL A 184 -26.86 2.05 35.17
C VAL A 184 -27.20 0.96 36.20
N LYS A 185 -27.70 1.38 37.36
CA LYS A 185 -28.09 0.46 38.46
C LYS A 185 -29.07 -0.61 37.98
N TRP A 186 -30.22 -0.17 37.46
CA TRP A 186 -31.27 -1.04 36.93
C TRP A 186 -30.66 -2.23 36.16
N GLU A 187 -29.87 -1.92 35.14
CA GLU A 187 -29.16 -2.91 34.32
C GLU A 187 -28.27 -3.83 35.16
N LEU A 188 -27.28 -3.23 35.83
CA LEU A 188 -26.30 -3.95 36.67
C LEU A 188 -26.91 -5.05 37.52
N GLU A 189 -28.07 -4.75 38.12
CA GLU A 189 -28.77 -5.69 38.99
C GLU A 189 -29.34 -6.88 38.21
N ASP A 190 -30.17 -6.61 37.22
CA ASP A 190 -30.84 -7.67 36.43
C ASP A 190 -29.88 -8.71 35.85
N LEU A 191 -28.73 -8.26 35.35
CA LEU A 191 -27.71 -9.15 34.81
C LEU A 191 -27.05 -9.99 35.91
N SER A 192 -26.62 -9.29 36.97
CA SER A 192 -26.02 -9.92 38.15
C SER A 192 -26.97 -10.90 38.84
N PHE A 193 -28.22 -10.49 39.02
CA PHE A 193 -29.23 -11.32 39.69
C PHE A 193 -29.62 -12.54 38.85
N ALA A 194 -29.70 -12.39 37.53
CA ALA A 194 -29.98 -13.51 36.63
C ALA A 194 -28.93 -14.62 36.75
N ILE A 195 -27.65 -14.22 36.76
CA ILE A 195 -26.54 -15.17 36.88
C ILE A 195 -26.50 -15.82 38.27
N LEU A 196 -26.66 -15.00 39.31
CA LEU A 196 -26.52 -15.44 40.70
C LEU A 196 -27.56 -16.47 41.11
N HIS A 197 -28.82 -16.21 40.74
CA HIS A 197 -29.94 -17.10 41.02
C HIS A 197 -30.67 -17.41 39.70
N PRO A 198 -30.28 -18.52 39.04
CA PRO A 198 -30.81 -18.80 37.69
C PRO A 198 -32.28 -19.24 37.66
N LYS A 199 -32.65 -20.20 38.51
CA LYS A 199 -34.03 -20.70 38.52
C LYS A 199 -35.03 -19.75 39.19
N LYS A 200 -34.56 -18.88 40.09
CA LYS A 200 -35.40 -17.82 40.67
C LYS A 200 -35.73 -16.78 39.59
N TYR A 201 -34.71 -16.35 38.86
CA TYR A 201 -34.85 -15.44 37.71
C TYR A 201 -35.83 -16.00 36.68
N GLU A 202 -35.61 -17.26 36.31
CA GLU A 202 -36.50 -18.02 35.42
C GLU A 202 -37.96 -17.95 35.89
N GLU A 203 -38.18 -18.18 37.17
CA GLU A 203 -39.52 -18.14 37.76
C GLU A 203 -40.17 -16.75 37.66
N ILE A 204 -39.37 -15.69 37.88
CA ILE A 204 -39.89 -14.32 37.79
C ILE A 204 -40.26 -13.96 36.35
N VAL A 205 -39.36 -14.28 35.40
CA VAL A 205 -39.66 -14.05 33.98
C VAL A 205 -40.81 -14.93 33.47
N ARG A 206 -40.89 -16.16 33.99
CA ARG A 206 -42.01 -17.07 33.67
C ARG A 206 -43.34 -16.52 34.19
N LEU A 207 -43.42 -16.26 35.50
CA LEU A 207 -44.59 -15.64 36.13
C LEU A 207 -45.02 -14.34 35.42
N VAL A 208 -44.05 -13.49 35.09
CA VAL A 208 -44.29 -12.28 34.29
C VAL A 208 -44.91 -12.62 32.93
N ALA A 209 -44.34 -13.60 32.24
CA ALA A 209 -44.82 -14.01 30.90
C ALA A 209 -46.25 -14.58 30.87
N GLY A 210 -46.66 -15.23 31.97
CA GLY A 210 -47.98 -15.90 32.03
C GLY A 210 -49.18 -14.99 31.86
N ARG A 211 -49.28 -13.98 32.72
CA ARG A 211 -50.39 -13.00 32.68
C ARG A 211 -50.10 -11.75 31.82
N ALA A 212 -49.00 -11.77 31.07
CA ALA A 212 -48.59 -10.65 30.20
C ALA A 212 -49.67 -10.11 29.25
N PRO A 213 -50.35 -10.98 28.48
CA PRO A 213 -51.37 -10.48 27.54
C PRO A 213 -52.57 -9.79 28.19
N SER A 214 -53.07 -10.35 29.29
CA SER A 214 -54.14 -9.73 30.06
C SER A 214 -53.69 -8.42 30.71
N ARG A 215 -52.48 -8.43 31.26
CA ARG A 215 -51.93 -7.29 31.99
C ARG A 215 -51.54 -6.11 31.07
N ASP A 216 -50.96 -6.42 29.91
CA ASP A 216 -50.58 -5.36 28.95
C ASP A 216 -51.80 -4.67 28.29
N THR A 217 -52.93 -5.37 28.23
CA THR A 217 -54.18 -4.82 27.67
C THR A 217 -54.75 -3.67 28.54
N TYR A 218 -54.74 -3.83 29.86
CA TYR A 218 -55.12 -2.74 30.80
C TYR A 218 -54.35 -1.47 30.48
N LEU A 219 -53.02 -1.60 30.48
CA LEU A 219 -52.12 -0.48 30.25
C LEU A 219 -52.41 0.24 28.94
N ALA A 220 -52.73 -0.53 27.90
CA ALA A 220 -53.16 0.02 26.61
C ALA A 220 -54.45 0.84 26.70
N LYS A 221 -55.40 0.38 27.52
CA LYS A 221 -56.63 1.13 27.78
C LYS A 221 -56.38 2.36 28.67
N VAL A 222 -55.54 2.20 29.69
CA VAL A 222 -55.17 3.29 30.60
C VAL A 222 -54.41 4.40 29.88
N ARG A 223 -53.46 4.01 29.02
CA ARG A 223 -52.69 4.95 28.19
C ARG A 223 -53.60 5.77 27.27
N ALA A 224 -54.58 5.11 26.66
CA ALA A 224 -55.57 5.75 25.79
C ALA A 224 -56.46 6.74 26.55
N GLU A 225 -57.02 6.27 27.67
CA GLU A 225 -57.93 7.10 28.48
C GLU A 225 -57.22 8.33 29.04
N ILE A 226 -55.97 8.16 29.49
CA ILE A 226 -55.12 9.28 29.93
C ILE A 226 -54.82 10.24 28.79
N VAL A 227 -54.34 9.71 27.66
CA VAL A 227 -53.89 10.55 26.54
C VAL A 227 -55.04 11.35 25.89
N ASN A 228 -56.24 10.75 25.81
CA ASN A 228 -57.43 11.45 25.26
C ASN A 228 -57.72 12.76 25.98
N THR A 229 -57.72 12.69 27.31
CA THR A 229 -58.14 13.81 28.15
C THR A 229 -57.08 14.93 28.26
N LEU A 230 -55.81 14.56 28.30
CA LEU A 230 -54.72 15.56 28.30
C LEU A 230 -54.53 16.25 26.93
N THR A 231 -54.96 15.59 25.85
CA THR A 231 -54.98 16.21 24.51
C THR A 231 -56.15 17.19 24.39
N ALA A 232 -57.26 16.89 25.08
CA ALA A 232 -58.38 17.84 25.23
C ALA A 232 -57.97 19.01 26.13
N SER A 233 -57.29 18.71 27.23
CA SER A 233 -56.73 19.73 28.13
C SER A 233 -55.55 20.52 27.52
N LYS A 234 -54.97 19.98 26.45
CA LYS A 234 -53.92 20.66 25.67
C LYS A 234 -52.61 20.78 26.45
N ILE A 235 -52.18 19.63 26.99
CA ILE A 235 -50.93 19.51 27.74
C ILE A 235 -50.01 18.59 26.93
N LYS A 236 -48.81 19.06 26.60
CA LYS A 236 -47.82 18.25 25.91
C LYS A 236 -47.21 17.24 26.89
N ALA A 237 -47.44 15.95 26.63
CA ALA A 237 -47.04 14.90 27.57
C ALA A 237 -46.87 13.53 26.89
N THR A 238 -45.69 12.93 27.08
CA THR A 238 -45.43 11.54 26.66
C THR A 238 -45.99 10.61 27.73
N VAL A 239 -46.49 9.44 27.31
CA VAL A 239 -47.19 8.50 28.21
C VAL A 239 -46.70 7.04 28.03
N GLU A 240 -45.40 6.85 28.23
CA GLU A 240 -44.80 5.51 28.13
C GLU A 240 -45.19 4.61 29.31
N GLY A 241 -45.08 3.30 29.08
CA GLY A 241 -45.22 2.30 30.15
C GLY A 241 -43.91 2.19 30.91
N ARG A 242 -43.99 1.84 32.18
CA ARG A 242 -42.81 1.73 33.04
C ARG A 242 -41.98 0.49 32.67
N PRO A 243 -40.64 0.63 32.55
CA PRO A 243 -39.78 -0.53 32.27
C PRO A 243 -39.51 -1.36 33.52
N LYS A 244 -39.85 -2.65 33.47
CA LYS A 244 -39.84 -3.52 34.65
C LYS A 244 -38.50 -4.18 34.92
N HIS A 245 -38.28 -4.50 36.19
CA HIS A 245 -37.02 -5.05 36.70
C HIS A 245 -37.33 -6.23 37.60
N TYR A 246 -36.58 -7.31 37.42
CA TYR A 246 -36.92 -8.62 38.03
C TYR A 246 -36.38 -8.75 39.46
N TRP A 247 -35.21 -8.18 39.72
CA TRP A 247 -34.65 -8.06 41.08
C TRP A 247 -35.61 -7.31 42.02
N SER A 248 -36.28 -6.28 41.51
CA SER A 248 -37.33 -5.59 42.25
C SER A 248 -38.48 -6.54 42.59
N ILE A 249 -38.96 -7.28 41.58
CA ILE A 249 -40.04 -8.28 41.78
C ILE A 249 -39.63 -9.35 42.80
N TYR A 250 -38.36 -9.74 42.78
CA TYR A 250 -37.81 -10.74 43.70
C TYR A 250 -37.91 -10.30 45.17
N GLN A 251 -37.45 -9.08 45.44
CA GLN A 251 -37.51 -8.51 46.80
C GLN A 251 -38.94 -8.19 47.23
N LYS A 252 -39.71 -7.57 46.32
CA LYS A 252 -41.13 -7.26 46.56
C LYS A 252 -41.94 -8.49 46.98
N MET A 253 -41.80 -9.57 46.22
CA MET A 253 -42.49 -10.84 46.53
C MET A 253 -41.91 -11.56 47.76
N ILE A 254 -40.62 -11.37 48.04
CA ILE A 254 -39.99 -11.92 49.26
C ILE A 254 -40.58 -11.28 50.52
N VAL A 255 -40.61 -9.95 50.56
CA VAL A 255 -41.19 -9.24 51.72
C VAL A 255 -42.71 -9.47 51.84
N LYS A 256 -43.40 -9.65 50.71
CA LYS A 256 -44.85 -9.88 50.68
C LYS A 256 -45.27 -11.36 50.61
N GLY A 257 -44.31 -12.28 50.53
CA GLY A 257 -44.60 -13.71 50.51
C GLY A 257 -44.99 -14.23 49.15
N ARG A 258 -45.19 -15.55 49.08
CA ARG A 258 -45.43 -16.25 47.82
C ARG A 258 -46.76 -15.88 47.17
N ASP A 259 -47.84 -16.05 47.93
CA ASP A 259 -49.16 -15.61 47.49
C ASP A 259 -49.16 -14.08 47.40
N PHE A 260 -49.06 -13.57 46.17
CA PHE A 260 -49.21 -12.13 45.93
C PHE A 260 -49.81 -11.84 44.55
N ASP A 261 -50.56 -10.75 44.48
CA ASP A 261 -51.30 -10.35 43.28
C ASP A 261 -50.36 -9.92 42.15
N ASP A 262 -50.09 -10.85 41.23
CA ASP A 262 -49.24 -10.57 40.05
C ASP A 262 -49.88 -9.64 39.02
N ILE A 263 -51.22 -9.60 38.99
CA ILE A 263 -51.95 -8.86 37.96
C ILE A 263 -51.70 -7.34 38.07
N HIS A 264 -51.61 -6.81 39.29
CA HIS A 264 -51.43 -5.37 39.52
C HIS A 264 -50.09 -4.96 40.13
N ASP A 265 -49.20 -5.92 40.41
CA ASP A 265 -47.89 -5.64 41.03
C ASP A 265 -47.10 -4.59 40.26
N LEU A 266 -47.04 -4.76 38.94
CA LEU A 266 -46.31 -3.84 38.07
C LEU A 266 -47.10 -3.51 36.81
N VAL A 267 -48.03 -2.56 36.93
CA VAL A 267 -48.76 -1.98 35.79
C VAL A 267 -48.36 -0.51 35.61
N GLY A 268 -47.17 -0.16 36.09
CA GLY A 268 -46.78 1.23 36.32
C GLY A 268 -46.75 2.10 35.08
N VAL A 269 -47.26 3.32 35.21
CA VAL A 269 -47.25 4.33 34.14
C VAL A 269 -46.20 5.39 34.50
N ARG A 270 -45.64 6.03 33.46
CA ARG A 270 -44.67 7.11 33.63
C ARG A 270 -44.98 8.28 32.69
N ILE A 271 -45.70 9.28 33.19
CA ILE A 271 -45.96 10.50 32.44
C ILE A 271 -44.67 11.34 32.42
N LEU A 272 -44.46 12.04 31.30
CA LEU A 272 -43.29 12.89 31.12
C LEU A 272 -43.74 14.22 30.49
N CYS A 273 -43.33 15.34 31.11
CA CYS A 273 -43.69 16.70 30.65
C CYS A 273 -42.49 17.65 30.61
N ASP A 274 -42.59 18.74 29.85
CA ASP A 274 -41.46 19.67 29.70
C ASP A 274 -41.14 20.45 30.98
N GLU A 275 -42.17 21.03 31.60
CA GLU A 275 -42.02 22.04 32.66
C GLU A 275 -42.79 21.65 33.93
N ILE A 276 -42.26 22.09 35.07
CA ILE A 276 -42.85 21.83 36.42
C ILE A 276 -44.36 22.04 36.49
N ARG A 277 -44.84 23.13 35.90
CA ARG A 277 -46.27 23.46 35.81
C ARG A 277 -47.08 22.26 35.29
N ASP A 278 -46.61 21.71 34.16
CA ASP A 278 -47.30 20.63 33.45
C ASP A 278 -47.30 19.30 34.23
N CYS A 279 -46.27 19.08 35.06
CA CYS A 279 -46.23 17.91 35.95
C CYS A 279 -47.37 17.91 36.95
N TYR A 280 -47.70 19.09 37.48
CA TYR A 280 -48.87 19.24 38.35
C TYR A 280 -50.17 19.08 37.56
N ALA A 281 -50.19 19.54 36.31
CA ALA A 281 -51.34 19.36 35.42
C ALA A 281 -51.67 17.89 35.13
N ALA A 282 -50.63 17.06 35.06
CA ALA A 282 -50.79 15.61 34.89
C ALA A 282 -51.55 14.98 36.06
N VAL A 283 -51.10 15.28 37.28
CA VAL A 283 -51.78 14.84 38.53
C VAL A 283 -53.29 15.16 38.47
N GLY A 284 -53.62 16.30 37.88
CA GLY A 284 -55.00 16.68 37.58
C GLY A 284 -55.75 15.68 36.71
N VAL A 285 -55.24 15.42 35.49
CA VAL A 285 -55.94 14.50 34.56
C VAL A 285 -56.07 13.09 35.14
N VAL A 286 -55.04 12.62 35.84
CA VAL A 286 -55.08 11.29 36.47
C VAL A 286 -56.25 11.21 37.47
N HIS A 287 -56.31 12.18 38.39
CA HIS A 287 -57.36 12.24 39.41
C HIS A 287 -58.76 12.39 38.81
N SER A 288 -58.87 13.17 37.73
CA SER A 288 -60.13 13.30 36.97
C SER A 288 -60.69 11.96 36.54
N LEU A 289 -59.81 11.06 36.11
CA LEU A 289 -60.20 9.76 35.58
C LEU A 289 -60.40 8.72 36.68
N TRP A 290 -59.49 8.67 37.66
CA TRP A 290 -59.57 7.67 38.74
C TRP A 290 -59.30 8.25 40.14
N GLN A 291 -59.74 7.51 41.16
CA GLN A 291 -59.77 7.96 42.57
C GLN A 291 -58.47 7.69 43.36
N PRO A 292 -57.86 8.74 43.95
CA PRO A 292 -56.53 8.57 44.52
C PRO A 292 -56.51 8.06 45.95
N MET A 293 -55.53 7.22 46.27
CA MET A 293 -55.38 6.67 47.61
C MET A 293 -54.95 7.79 48.56
N ALA A 294 -55.41 7.71 49.81
CA ALA A 294 -55.15 8.76 50.81
C ALA A 294 -53.66 8.89 51.13
N GLY A 295 -53.06 7.80 51.57
CA GLY A 295 -51.61 7.70 51.77
C GLY A 295 -50.92 7.31 50.48
N ARG A 296 -49.60 7.08 50.57
CA ARG A 296 -48.75 6.74 49.43
C ARG A 296 -48.52 7.88 48.40
N PHE A 297 -48.97 9.09 48.74
CA PHE A 297 -48.80 10.26 47.87
C PHE A 297 -47.49 10.92 48.23
N LYS A 298 -46.76 11.41 47.22
CA LYS A 298 -45.51 12.16 47.44
C LYS A 298 -45.34 13.29 46.43
N ASP A 299 -44.46 14.22 46.79
CA ASP A 299 -44.11 15.38 45.96
C ASP A 299 -42.63 15.72 46.19
N TYR A 300 -41.76 15.06 45.43
CA TYR A 300 -40.32 15.21 45.58
C TYR A 300 -39.80 16.52 44.97
N ILE A 301 -40.54 17.09 44.00
CA ILE A 301 -40.24 18.43 43.48
C ILE A 301 -40.35 19.44 44.63
N ALA A 302 -41.41 19.33 45.41
CA ALA A 302 -41.62 20.17 46.59
C ALA A 302 -40.62 19.85 47.72
N GLN A 303 -40.36 18.56 47.93
CA GLN A 303 -39.47 18.11 49.01
C GLN A 303 -38.49 17.02 48.53
N PRO A 304 -37.36 17.44 47.90
CA PRO A 304 -36.39 16.47 47.37
C PRO A 304 -35.61 15.72 48.46
N ARG A 305 -35.72 14.38 48.46
CA ARG A 305 -34.99 13.54 49.41
C ARG A 305 -33.50 13.53 49.08
N TYR A 306 -32.68 13.90 50.07
CA TYR A 306 -31.24 14.10 49.88
C TYR A 306 -31.02 15.10 48.73
N GLY A 307 -30.22 14.77 47.71
CA GLY A 307 -30.09 15.61 46.54
C GLY A 307 -31.36 15.59 45.70
N VAL A 308 -31.42 16.51 44.73
CA VAL A 308 -32.63 16.70 43.91
C VAL A 308 -33.05 15.45 43.12
N TYR A 309 -34.15 14.83 43.56
CA TYR A 309 -34.84 13.77 42.81
C TYR A 309 -36.29 14.22 42.60
N GLN A 310 -36.45 15.35 41.90
CA GLN A 310 -37.76 15.97 41.69
C GLN A 310 -38.68 15.08 40.85
N SER A 311 -39.80 14.68 41.44
CA SER A 311 -40.71 13.68 40.85
C SER A 311 -42.00 13.61 41.66
N LEU A 312 -43.12 13.33 40.96
CA LEU A 312 -44.44 13.23 41.58
C LEU A 312 -44.96 11.79 41.51
N HIS A 313 -44.99 11.11 42.65
CA HIS A 313 -45.47 9.73 42.76
C HIS A 313 -46.90 9.72 43.29
N THR A 314 -47.82 9.12 42.53
CA THR A 314 -49.22 8.98 42.97
C THR A 314 -49.80 7.61 42.57
N THR A 315 -50.62 7.06 43.47
CA THR A 315 -51.27 5.77 43.29
C THR A 315 -52.79 5.94 43.30
N VAL A 316 -53.48 5.32 42.34
CA VAL A 316 -54.94 5.46 42.18
C VAL A 316 -55.64 4.10 41.95
N VAL A 317 -56.81 3.93 42.55
CA VAL A 317 -57.54 2.66 42.45
C VAL A 317 -58.91 2.77 41.79
N GLY A 318 -59.40 1.62 41.31
CA GLY A 318 -60.70 1.50 40.71
C GLY A 318 -60.82 1.52 39.19
N PRO A 319 -59.70 1.72 38.47
CA PRO A 319 -59.80 1.67 37.01
C PRO A 319 -60.09 0.24 36.63
N GLU A 320 -59.35 -0.66 37.27
CA GLU A 320 -59.56 -2.10 37.15
C GLU A 320 -59.83 -2.68 38.53
N GLY A 321 -60.08 -1.80 39.51
CA GLY A 321 -60.29 -2.21 40.87
C GLY A 321 -58.99 -2.53 41.56
N LYS A 322 -57.88 -2.18 40.90
CA LYS A 322 -56.54 -2.45 41.43
C LYS A 322 -55.66 -1.18 41.42
N PRO A 323 -54.76 -1.04 42.45
CA PRO A 323 -53.94 0.19 42.41
C PRO A 323 -52.94 0.24 41.26
N LEU A 324 -52.70 1.45 40.76
CA LEU A 324 -51.76 1.70 39.67
C LEU A 324 -50.84 2.86 40.05
N GLU A 325 -49.52 2.63 39.92
CA GLU A 325 -48.51 3.60 40.33
C GLU A 325 -48.15 4.54 39.17
N VAL A 326 -48.50 5.81 39.32
CA VAL A 326 -48.15 6.85 38.36
C VAL A 326 -46.94 7.64 38.88
N GLN A 327 -46.01 7.97 37.97
CA GLN A 327 -44.76 8.64 38.33
C GLN A 327 -44.44 9.78 37.34
N ILE A 328 -45.03 10.95 37.60
CA ILE A 328 -44.88 12.12 36.73
C ILE A 328 -43.57 12.84 37.04
N ARG A 329 -42.88 13.31 35.99
CA ARG A 329 -41.66 14.14 36.13
C ARG A 329 -41.24 14.76 34.79
N THR A 330 -40.49 15.86 34.84
CA THR A 330 -40.06 16.54 33.61
C THR A 330 -39.00 15.80 32.82
N ARG A 331 -38.88 16.15 31.55
CA ARG A 331 -37.91 15.55 30.66
C ARG A 331 -36.55 15.85 31.25
N ASP A 332 -36.39 17.08 31.72
CA ASP A 332 -35.17 17.47 32.42
C ASP A 332 -35.04 16.66 33.69
N MET A 333 -36.14 16.60 34.44
CA MET A 333 -36.17 15.82 35.67
C MET A 333 -35.88 14.37 35.38
N HIS A 334 -36.46 13.86 34.29
CA HIS A 334 -36.29 12.47 33.92
C HIS A 334 -34.85 12.19 33.57
N ARG A 335 -34.24 13.08 32.78
CA ARG A 335 -32.82 12.95 32.43
C ARG A 335 -32.06 12.83 33.72
N THR A 336 -32.31 13.79 34.60
CA THR A 336 -31.60 13.85 35.86
C THR A 336 -31.68 12.51 36.54
N ALA A 337 -32.89 12.02 36.78
CA ALA A 337 -33.05 10.79 37.53
C ALA A 337 -32.36 9.62 36.85
N GLU A 338 -32.69 9.38 35.59
CA GLU A 338 -32.18 8.20 34.90
C GLU A 338 -30.68 8.18 34.80
N TYR A 339 -30.07 9.33 34.53
CA TYR A 339 -28.63 9.40 34.41
C TYR A 339 -28.12 10.48 35.33
N GLY A 340 -28.24 10.25 36.63
CA GLY A 340 -27.72 11.20 37.59
C GLY A 340 -26.23 11.15 37.51
N ILE A 341 -25.60 12.29 37.26
CA ILE A 341 -24.16 12.29 37.10
C ILE A 341 -23.55 11.91 38.44
N ALA A 342 -24.05 12.54 39.51
CA ALA A 342 -23.54 12.27 40.84
C ALA A 342 -24.38 12.89 41.96
N ALA A 343 -24.15 12.38 43.16
CA ALA A 343 -24.74 12.90 44.37
C ALA A 343 -23.60 13.60 45.07
N HIS A 344 -23.91 14.73 45.70
CA HIS A 344 -22.89 15.47 46.43
C HIS A 344 -22.33 14.56 47.51
N TRP A 345 -23.20 13.83 48.18
CA TRP A 345 -22.79 12.88 49.23
C TRP A 345 -23.84 11.78 49.48
N ARG A 346 -23.37 10.55 49.63
CA ARG A 346 -24.25 9.40 49.89
C ARG A 346 -24.88 9.47 51.28
N TYR A 347 -24.20 10.11 52.23
CA TYR A 347 -24.67 10.21 53.62
C TYR A 347 -24.41 8.91 54.40
N LYS A 348 -23.60 8.01 53.84
CA LYS A 348 -23.35 6.71 54.45
C LYS A 348 -22.11 6.05 53.86
N ASP A 366 -9.32 11.57 44.72
CA ASP A 366 -8.92 12.46 45.81
C ASP A 366 -9.46 11.93 47.16
N ASP A 367 -9.35 12.74 48.21
CA ASP A 367 -9.72 12.31 49.58
C ASP A 367 -11.19 11.91 49.74
N MET A 368 -12.10 12.65 49.12
CA MET A 368 -13.52 12.30 49.18
C MET A 368 -13.73 10.92 48.59
N ALA A 369 -13.06 10.67 47.47
CA ALA A 369 -13.14 9.39 46.77
C ALA A 369 -12.56 8.22 47.56
N TRP A 370 -11.42 8.45 48.22
CA TRP A 370 -10.77 7.40 48.98
C TRP A 370 -11.61 6.99 50.18
N MET A 371 -12.06 7.95 50.99
CA MET A 371 -12.83 7.61 52.21
C MET A 371 -14.19 6.99 51.89
N ARG A 372 -14.87 7.58 50.91
CA ARG A 372 -16.14 7.02 50.44
C ARG A 372 -15.87 5.63 49.90
N GLN A 373 -14.75 5.51 49.20
CA GLN A 373 -14.27 4.23 48.70
C GLN A 373 -14.09 3.29 49.86
N LEU A 374 -13.53 3.81 50.95
CA LEU A 374 -13.29 3.03 52.14
C LEU A 374 -14.60 2.50 52.75
N LEU A 375 -15.63 3.33 52.79
CA LEU A 375 -16.93 2.86 53.30
C LEU A 375 -17.55 1.88 52.31
N ASP A 376 -17.37 2.20 51.03
CA ASP A 376 -17.80 1.38 49.91
C ASP A 376 -17.20 -0.02 50.01
N TRP A 377 -15.90 -0.07 50.24
CA TRP A 377 -15.19 -1.33 50.37
C TRP A 377 -15.62 -2.11 51.62
N GLN A 378 -15.97 -1.41 52.69
CA GLN A 378 -16.52 -2.10 53.87
C GLN A 378 -17.89 -2.72 53.57
N ARG A 379 -18.72 -2.00 52.82
CA ARG A 379 -20.00 -2.52 52.37
C ARG A 379 -19.75 -3.76 51.51
N GLU A 380 -18.69 -3.71 50.71
CA GLU A 380 -18.28 -4.85 49.89
C GLU A 380 -17.94 -6.07 50.75
N ALA A 381 -17.13 -5.86 51.78
CA ALA A 381 -16.76 -6.93 52.70
C ALA A 381 -18.02 -7.55 53.27
N ALA A 382 -18.99 -6.71 53.59
CA ALA A 382 -20.28 -7.19 54.09
C ALA A 382 -20.89 -8.23 53.16
N LEU B 12 -38.42 -3.43 11.97
CA LEU B 12 -39.18 -3.49 10.66
C LEU B 12 -38.43 -2.79 9.53
N GLU B 13 -38.17 -1.50 9.74
CA GLU B 13 -37.69 -0.60 8.68
C GLU B 13 -36.28 -0.91 8.13
N PRO B 14 -35.29 -1.18 9.01
CA PRO B 14 -33.97 -1.53 8.46
C PRO B 14 -33.93 -2.88 7.74
N LEU B 15 -34.76 -3.84 8.18
CA LEU B 15 -34.79 -5.19 7.58
C LEU B 15 -35.00 -5.11 6.07
N VAL B 16 -36.01 -4.34 5.66
CA VAL B 16 -36.38 -4.23 4.25
C VAL B 16 -35.23 -3.63 3.43
N ALA B 17 -34.50 -2.68 4.00
CA ALA B 17 -33.36 -2.04 3.33
C ALA B 17 -32.30 -3.06 2.90
N VAL B 18 -31.93 -3.95 3.82
CA VAL B 18 -30.92 -5.00 3.55
C VAL B 18 -31.41 -6.01 2.51
N HIS B 19 -32.71 -6.33 2.54
CA HIS B 19 -33.32 -7.21 1.55
C HIS B 19 -33.41 -6.56 0.16
N ARG B 20 -33.96 -5.34 0.13
CA ARG B 20 -34.32 -4.65 -1.11
C ARG B 20 -33.13 -4.41 -2.06
N GLU B 21 -31.99 -3.98 -1.53
CA GLU B 21 -30.81 -3.68 -2.36
C GLU B 21 -30.18 -4.90 -3.05
N ILE B 22 -30.47 -6.11 -2.55
CA ILE B 22 -30.06 -7.34 -3.23
C ILE B 22 -30.74 -7.42 -4.59
N TYR B 23 -32.08 -7.28 -4.59
CA TYR B 23 -32.87 -7.43 -5.81
C TYR B 23 -34.19 -6.66 -5.71
N PRO B 24 -34.52 -5.83 -6.73
CA PRO B 24 -35.85 -5.21 -6.73
C PRO B 24 -36.93 -6.27 -6.94
N LYS B 25 -37.98 -6.19 -6.12
CA LYS B 25 -39.02 -7.23 -6.03
C LYS B 25 -40.40 -6.62 -5.84
N ALA B 26 -41.41 -7.23 -6.47
CA ALA B 26 -42.80 -6.82 -6.33
C ALA B 26 -43.44 -7.47 -5.09
N ASP B 27 -44.60 -6.95 -4.70
CA ASP B 27 -45.37 -7.45 -3.54
C ASP B 27 -44.56 -7.44 -2.23
N LEU B 28 -44.02 -6.27 -1.89
CA LEU B 28 -43.40 -6.09 -0.57
C LEU B 28 -44.43 -5.77 0.53
N SER B 29 -45.68 -5.55 0.13
CA SER B 29 -46.81 -5.49 1.07
C SER B 29 -46.94 -6.76 1.92
N ILE B 30 -46.63 -7.92 1.34
CA ILE B 30 -46.72 -9.21 2.06
C ILE B 30 -45.83 -9.27 3.32
N LEU B 31 -44.63 -8.69 3.25
CA LEU B 31 -43.73 -8.64 4.42
C LEU B 31 -44.16 -7.62 5.48
N GLN B 32 -44.88 -6.58 5.07
CA GLN B 32 -45.55 -5.68 6.02
C GLN B 32 -46.66 -6.44 6.75
N ARG B 33 -47.48 -7.16 5.99
CA ARG B 33 -48.49 -8.07 6.54
C ARG B 33 -47.88 -9.13 7.47
N ALA B 34 -46.74 -9.70 7.05
CA ALA B 34 -46.03 -10.74 7.81
C ALA B 34 -45.66 -10.26 9.22
N TYR B 35 -44.90 -9.17 9.31
CA TYR B 35 -44.49 -8.64 10.61
C TYR B 35 -45.68 -8.16 11.45
N GLU B 36 -46.59 -7.41 10.83
CA GLU B 36 -47.77 -6.87 11.50
C GLU B 36 -48.58 -7.99 12.19
N VAL B 37 -48.98 -8.98 11.39
CA VAL B 37 -49.76 -10.13 11.89
C VAL B 37 -48.99 -10.92 12.95
N ALA B 38 -47.67 -11.02 12.80
CA ALA B 38 -46.79 -11.65 13.79
C ALA B 38 -46.71 -10.85 15.09
N ASP B 39 -46.62 -9.52 14.97
CA ASP B 39 -46.53 -8.61 16.12
C ASP B 39 -47.75 -8.76 17.03
N GLN B 40 -48.95 -8.74 16.42
CA GLN B 40 -50.19 -9.00 17.16
C GLN B 40 -50.22 -10.44 17.69
N ARG B 41 -49.97 -11.41 16.80
CA ARG B 41 -49.93 -12.84 17.15
C ARG B 41 -51.20 -13.33 17.84
N TYR B 53 -41.03 -9.81 24.29
CA TYR B 53 -39.92 -10.22 23.43
C TYR B 53 -40.42 -10.91 22.15
N ILE B 54 -40.60 -10.12 21.10
CA ILE B 54 -41.03 -10.60 19.78
C ILE B 54 -39.97 -10.39 18.69
N THR B 55 -38.73 -10.11 19.09
CA THR B 55 -37.66 -9.82 18.14
C THR B 55 -37.04 -11.05 17.48
N HIS B 56 -37.17 -12.23 18.10
CA HIS B 56 -36.52 -13.44 17.59
C HIS B 56 -36.84 -13.76 16.12
N PRO B 57 -38.13 -13.73 15.72
CA PRO B 57 -38.47 -13.88 14.29
C PRO B 57 -37.81 -12.86 13.36
N LEU B 58 -37.94 -11.56 13.68
CA LEU B 58 -37.37 -10.50 12.84
C LEU B 58 -35.85 -10.48 12.87
N ALA B 59 -35.28 -10.69 14.06
CA ALA B 59 -33.82 -10.82 14.22
C ALA B 59 -33.27 -11.96 13.36
N VAL B 60 -33.96 -13.11 13.38
CA VAL B 60 -33.66 -14.20 12.46
C VAL B 60 -33.84 -13.73 11.01
N ALA B 61 -34.99 -13.13 10.72
CA ALA B 61 -35.31 -12.60 9.38
C ALA B 61 -34.23 -11.65 8.84
N ASN B 62 -33.53 -10.94 9.72
CA ASN B 62 -32.32 -10.19 9.34
C ASN B 62 -31.19 -11.11 8.88
N ILE B 63 -30.86 -12.12 9.69
CA ILE B 63 -29.72 -13.02 9.40
C ILE B 63 -29.93 -13.75 8.08
N LEU B 64 -31.18 -14.16 7.81
CA LEU B 64 -31.55 -14.74 6.51
C LEU B 64 -31.46 -13.71 5.39
N ALA B 65 -31.99 -12.51 5.63
CA ALA B 65 -31.90 -11.41 4.65
C ALA B 65 -30.45 -11.04 4.31
N GLU B 66 -29.57 -11.10 5.31
CA GLU B 66 -28.13 -10.89 5.11
C GLU B 66 -27.52 -11.95 4.18
N LEU B 67 -27.94 -13.20 4.35
CA LEU B 67 -27.57 -14.28 3.42
C LEU B 67 -28.16 -14.03 2.04
N GLY B 68 -29.41 -13.57 2.01
CA GLY B 68 -30.12 -13.21 0.78
C GLY B 68 -31.09 -14.26 0.32
N MET B 69 -31.93 -14.71 1.25
CA MET B 69 -32.94 -15.75 0.97
C MET B 69 -34.22 -15.12 0.40
N ASP B 70 -35.15 -15.99 -0.02
CA ASP B 70 -36.40 -15.55 -0.66
C ASP B 70 -37.30 -14.71 0.25
N THR B 71 -38.09 -13.85 -0.38
CA THR B 71 -39.14 -13.08 0.28
C THR B 71 -40.08 -14.01 1.06
N THR B 72 -40.50 -15.10 0.41
CA THR B 72 -41.33 -16.14 1.03
C THR B 72 -40.70 -16.71 2.31
N THR B 73 -39.41 -17.01 2.26
CA THR B 73 -38.69 -17.53 3.42
C THR B 73 -38.63 -16.53 4.57
N LEU B 74 -38.40 -15.25 4.25
CA LEU B 74 -38.34 -14.23 5.29
C LEU B 74 -39.71 -13.87 5.86
N VAL B 75 -40.77 -13.90 5.05
CA VAL B 75 -42.15 -13.79 5.62
C VAL B 75 -42.55 -15.04 6.42
N ALA B 76 -42.11 -16.22 5.96
CA ALA B 76 -42.34 -17.48 6.69
C ALA B 76 -41.62 -17.47 8.04
N ALA B 77 -40.38 -17.01 8.05
CA ALA B 77 -39.57 -16.88 9.27
C ALA B 77 -40.23 -16.02 10.35
N LEU B 78 -40.85 -14.92 9.93
CA LEU B 78 -41.55 -14.01 10.86
C LEU B 78 -42.68 -14.69 11.65
N LEU B 79 -43.37 -15.66 11.03
CA LEU B 79 -44.46 -16.40 11.66
C LEU B 79 -44.17 -17.90 11.86
N HIS B 80 -42.89 -18.31 11.86
CA HIS B 80 -42.58 -19.74 11.96
C HIS B 80 -42.84 -20.30 13.37
N ASP B 81 -42.58 -19.50 14.41
CA ASP B 81 -42.82 -19.88 15.82
C ASP B 81 -44.23 -19.58 16.34
N THR B 82 -45.13 -19.06 15.49
CA THR B 82 -46.45 -18.60 15.94
C THR B 82 -47.38 -19.73 16.44
N VAL B 83 -47.44 -20.85 15.73
CA VAL B 83 -48.41 -21.92 16.01
C VAL B 83 -48.16 -22.58 17.37
N GLU B 84 -46.89 -22.74 17.74
CA GLU B 84 -46.49 -23.27 19.05
C GLU B 84 -46.85 -22.30 20.18
N ASP B 85 -46.50 -21.03 20.00
CA ASP B 85 -46.64 -20.01 21.04
C ASP B 85 -48.08 -19.47 21.16
N THR B 86 -48.75 -19.29 20.02
CA THR B 86 -50.08 -18.68 19.92
C THR B 86 -51.13 -19.73 19.54
N GLY B 87 -52.38 -19.51 19.98
CA GLY B 87 -53.50 -20.41 19.66
C GLY B 87 -53.90 -20.53 18.20
N TYR B 88 -53.45 -19.59 17.36
CA TYR B 88 -53.74 -19.59 15.93
C TYR B 88 -53.07 -20.79 15.26
N THR B 89 -53.71 -21.34 14.22
CA THR B 89 -53.28 -22.60 13.58
C THR B 89 -52.86 -22.43 12.12
N LEU B 90 -52.18 -23.46 11.60
CA LEU B 90 -51.65 -23.46 10.22
C LEU B 90 -52.72 -23.27 9.16
N GLU B 91 -53.90 -23.86 9.36
CA GLU B 91 -55.03 -23.76 8.43
C GLU B 91 -55.48 -22.31 8.21
N ALA B 92 -55.47 -21.52 9.29
CA ALA B 92 -55.71 -20.08 9.22
C ALA B 92 -54.52 -19.34 8.61
N LEU B 93 -53.32 -19.75 9.02
CA LEU B 93 -52.06 -19.14 8.57
C LEU B 93 -51.80 -19.31 7.06
N THR B 94 -52.00 -20.53 6.55
CA THR B 94 -51.77 -20.84 5.13
C THR B 94 -52.67 -20.07 4.16
N GLU B 95 -53.94 -19.91 4.53
CA GLU B 95 -54.90 -19.12 3.72
C GLU B 95 -54.43 -17.66 3.51
N GLU B 96 -53.95 -17.05 4.59
CA GLU B 96 -53.50 -15.66 4.56
C GLU B 96 -52.25 -15.44 3.70
N PHE B 97 -51.29 -16.35 3.77
CA PHE B 97 -49.98 -16.21 3.11
C PHE B 97 -49.63 -17.26 2.04
N GLY B 98 -50.54 -18.19 1.76
CA GLY B 98 -50.36 -19.18 0.69
C GLY B 98 -49.83 -20.54 1.17
N GLU B 99 -49.87 -21.50 0.25
CA GLU B 99 -49.41 -22.88 0.49
C GLU B 99 -47.92 -23.02 0.77
N GLU B 100 -47.09 -22.22 0.08
CA GLU B 100 -45.63 -22.21 0.28
C GLU B 100 -45.26 -21.85 1.72
N VAL B 101 -45.91 -20.81 2.26
CA VAL B 101 -45.72 -20.39 3.65
C VAL B 101 -46.21 -21.48 4.61
N GLY B 102 -47.29 -22.17 4.24
CA GLY B 102 -47.78 -23.33 5.00
C GLY B 102 -46.75 -24.44 5.17
N HIS B 103 -46.16 -24.89 4.06
CA HIS B 103 -45.17 -25.97 4.07
C HIS B 103 -43.88 -25.61 4.82
N LEU B 104 -43.41 -24.37 4.61
CA LEU B 104 -42.20 -23.86 5.29
C LEU B 104 -42.38 -23.84 6.81
N VAL B 105 -43.37 -23.09 7.28
CA VAL B 105 -43.66 -22.93 8.71
C VAL B 105 -43.89 -24.29 9.42
N ASP B 106 -44.54 -25.22 8.72
CA ASP B 106 -44.75 -26.57 9.24
C ASP B 106 -43.44 -27.35 9.22
N VAL B 108 -40.29 -26.49 9.21
CA VAL B 108 -39.29 -26.17 10.22
C VAL B 108 -39.71 -26.68 11.60
N THR B 109 -40.98 -26.53 11.96
CA THR B 109 -41.51 -26.99 13.26
C THR B 109 -41.31 -28.49 13.46
N LYS B 110 -41.49 -29.26 12.39
CA LYS B 110 -41.27 -30.72 12.43
C LYS B 110 -39.84 -31.07 12.81
N LEU B 111 -38.87 -30.32 12.29
CA LEU B 111 -37.48 -30.45 12.73
C LEU B 111 -37.38 -30.08 14.21
N ASP B 112 -36.77 -30.96 14.99
CA ASP B 112 -36.71 -30.85 16.44
C ASP B 112 -35.31 -31.26 16.96
N ARG B 113 -35.16 -31.41 18.27
CA ARG B 113 -33.89 -31.82 18.89
C ARG B 113 -33.31 -33.12 18.30
N VAL B 114 -32.00 -33.17 18.16
CA VAL B 114 -31.29 -34.28 17.52
C VAL B 114 -30.39 -35.03 18.51
N VAL B 115 -29.64 -36.01 18.01
CA VAL B 115 -28.66 -36.75 18.81
C VAL B 115 -27.43 -37.04 17.96
N ARG B 137 -35.38 -24.91 1.69
CA ARG B 137 -35.36 -23.63 2.42
C ARG B 137 -35.90 -23.70 3.87
N VAL B 138 -36.34 -24.88 4.31
CA VAL B 138 -36.69 -25.13 5.71
C VAL B 138 -35.52 -25.70 6.51
N LEU B 139 -34.38 -25.91 5.85
CA LEU B 139 -33.14 -26.31 6.51
C LEU B 139 -32.23 -25.09 6.79
N VAL B 140 -32.36 -24.03 6.00
CA VAL B 140 -31.62 -22.78 6.22
C VAL B 140 -32.25 -21.90 7.31
N ILE B 141 -33.58 -21.90 7.40
CA ILE B 141 -34.32 -21.14 8.42
C ILE B 141 -34.02 -21.69 9.82
N LYS B 142 -34.05 -23.01 9.96
CA LYS B 142 -33.70 -23.73 11.20
C LYS B 142 -32.31 -23.35 11.72
N VAL B 143 -31.34 -23.33 10.82
CA VAL B 143 -29.96 -22.99 11.18
C VAL B 143 -29.87 -21.53 11.66
N ALA B 144 -30.57 -20.62 10.97
CA ALA B 144 -30.66 -19.22 11.40
C ALA B 144 -31.33 -19.07 12.78
N ASP B 145 -32.41 -19.82 12.99
CA ASP B 145 -33.10 -19.90 14.28
C ASP B 145 -32.15 -20.39 15.38
N ARG B 146 -31.41 -21.45 15.08
CA ARG B 146 -30.45 -22.02 16.04
C ARG B 146 -29.27 -21.08 16.31
N LEU B 147 -28.73 -20.46 15.27
CA LEU B 147 -27.58 -19.56 15.37
C LEU B 147 -27.83 -18.40 16.34
N HIS B 148 -28.96 -17.71 16.15
CA HIS B 148 -29.33 -16.57 16.99
C HIS B 148 -29.41 -16.93 18.47
N ASN B 149 -30.15 -18.00 18.79
CA ASN B 149 -30.27 -18.50 20.17
C ASN B 149 -28.92 -18.82 20.84
N MET B 150 -28.01 -19.39 20.06
CA MET B 150 -26.61 -19.57 20.49
C MET B 150 -25.91 -18.23 20.75
N ARG B 151 -26.18 -17.23 19.91
CA ARG B 151 -25.59 -15.90 20.07
C ARG B 151 -26.07 -15.13 21.32
N THR B 152 -27.30 -15.35 21.76
CA THR B 152 -27.88 -14.62 22.92
C THR B 152 -28.62 -15.52 23.91
N MET B 153 -27.89 -16.46 24.49
CA MET B 153 -28.39 -17.28 25.59
C MET B 153 -28.05 -16.58 26.91
N ARG B 154 -28.82 -15.55 27.23
CA ARG B 154 -28.63 -14.75 28.44
C ARG B 154 -29.08 -15.51 29.68
N PHE B 155 -30.30 -16.02 29.64
CA PHE B 155 -30.85 -16.76 30.79
C PHE B 155 -30.19 -18.11 31.05
N LEU B 156 -29.92 -18.86 29.99
CA LEU B 156 -29.32 -20.16 30.11
C LEU B 156 -30.18 -21.07 30.98
N PRO B 157 -31.50 -20.89 30.94
CA PRO B 157 -32.45 -21.70 31.72
C PRO B 157 -33.07 -22.85 30.96
N PRO B 158 -33.08 -22.81 29.60
CA PRO B 158 -33.57 -24.02 28.92
C PRO B 158 -32.56 -25.10 28.64
N GLU B 159 -31.27 -24.79 28.76
CA GLU B 159 -30.22 -25.76 28.49
C GLU B 159 -29.90 -26.54 29.76
N LYS B 160 -29.59 -27.82 29.57
CA LYS B 160 -29.25 -28.69 30.68
C LYS B 160 -27.78 -29.03 30.54
N GLN B 161 -26.97 -28.44 31.41
CA GLN B 161 -25.53 -28.54 31.32
C GLN B 161 -25.04 -28.18 29.94
N ALA B 162 -25.70 -27.20 29.33
CA ALA B 162 -25.30 -26.73 28.03
C ALA B 162 -25.35 -27.83 26.97
N ARG B 163 -26.44 -28.60 26.98
CA ARG B 163 -26.67 -29.60 25.95
C ARG B 163 -26.88 -28.96 24.58
N LYS B 164 -27.56 -27.82 24.55
CA LYS B 164 -27.89 -27.15 23.29
C LYS B 164 -26.65 -26.96 22.41
N ALA B 165 -25.55 -26.50 22.99
CA ALA B 165 -24.27 -26.40 22.29
C ALA B 165 -23.86 -27.77 21.77
N ARG B 166 -24.00 -28.79 22.62
CA ARG B 166 -23.73 -30.19 22.27
C ARG B 166 -24.44 -30.61 20.99
N GLU B 167 -25.74 -30.31 20.91
CA GLU B 167 -26.55 -30.59 19.72
C GLU B 167 -26.05 -29.85 18.47
N THR B 168 -25.63 -28.58 18.64
CA THR B 168 -25.12 -27.82 17.49
C THR B 168 -23.81 -28.39 16.97
N LEU B 169 -22.87 -28.63 17.88
CA LEU B 169 -21.57 -29.19 17.52
C LEU B 169 -21.70 -30.58 16.90
N GLU B 170 -22.60 -31.40 17.44
CA GLU B 170 -22.83 -32.76 16.95
C GLU B 170 -23.55 -32.81 15.59
N VAL B 171 -24.57 -31.96 15.41
CA VAL B 171 -25.49 -32.07 14.25
C VAL B 171 -25.66 -30.80 13.39
N ILE B 172 -25.65 -29.62 14.01
CA ILE B 172 -25.93 -28.35 13.30
C ILE B 172 -24.70 -27.82 12.55
N ALA B 173 -23.51 -28.00 13.13
CA ALA B 173 -22.26 -27.61 12.46
C ALA B 173 -22.00 -28.36 11.14
N PRO B 174 -22.13 -29.71 11.13
CA PRO B 174 -22.02 -30.42 9.84
C PRO B 174 -23.10 -30.01 8.83
N LEU B 175 -24.34 -29.89 9.31
CA LEU B 175 -25.44 -29.34 8.50
C LEU B 175 -25.11 -27.95 7.97
N ALA B 176 -24.58 -27.10 8.84
CA ALA B 176 -24.16 -25.75 8.47
C ALA B 176 -23.00 -25.77 7.48
N HIS B 177 -22.06 -26.69 7.68
CA HIS B 177 -20.88 -26.84 6.80
C HIS B 177 -21.22 -27.44 5.43
N ARG B 178 -21.99 -28.53 5.44
CA ARG B 178 -22.44 -29.21 4.22
C ARG B 178 -23.18 -28.31 3.24
N LEU B 179 -23.98 -27.38 3.77
CA LEU B 179 -24.76 -26.48 2.93
C LEU B 179 -24.02 -25.18 2.56
N GLY B 180 -22.70 -25.15 2.76
CA GLY B 180 -21.92 -23.94 2.49
C GLY B 180 -22.13 -22.94 3.61
N MET B 181 -21.80 -21.67 3.37
CA MET B 181 -22.02 -20.63 4.36
C MET B 181 -21.28 -20.93 5.67
N ALA B 182 -19.95 -21.07 5.59
CA ALA B 182 -19.14 -21.41 6.76
C ALA B 182 -19.27 -20.38 7.89
N SER B 183 -19.25 -19.09 7.57
CA SER B 183 -19.43 -18.06 8.62
C SER B 183 -20.47 -18.52 9.66
N VAL B 184 -21.58 -19.07 9.18
CA VAL B 184 -22.62 -19.66 10.03
C VAL B 184 -22.05 -20.78 10.91
N LYS B 185 -21.31 -21.71 10.29
CA LYS B 185 -20.66 -22.83 10.99
C LYS B 185 -19.61 -22.35 11.99
N TRP B 186 -18.61 -21.62 11.48
CA TRP B 186 -17.47 -21.16 12.29
C TRP B 186 -17.92 -20.47 13.58
N GLU B 187 -18.89 -19.56 13.47
CA GLU B 187 -19.44 -18.87 14.64
C GLU B 187 -20.14 -19.87 15.58
N LEU B 188 -21.10 -20.62 15.03
CA LEU B 188 -21.83 -21.68 15.76
C LEU B 188 -20.93 -22.54 16.64
N GLU B 189 -19.78 -22.93 16.11
CA GLU B 189 -18.81 -23.74 16.83
C GLU B 189 -18.15 -23.00 17.99
N ASP B 190 -17.51 -21.87 17.69
CA ASP B 190 -16.79 -21.08 18.71
C ASP B 190 -17.62 -20.85 19.97
N LEU B 191 -18.86 -20.39 19.78
CA LEU B 191 -19.79 -20.20 20.90
C LEU B 191 -20.00 -21.53 21.63
N SER B 192 -20.43 -22.55 20.89
CA SER B 192 -20.68 -23.89 21.43
C SER B 192 -19.46 -24.48 22.16
N PHE B 193 -18.28 -24.25 21.59
CA PHE B 193 -17.01 -24.73 22.15
C PHE B 193 -16.68 -24.10 23.49
N ALA B 194 -16.86 -22.78 23.59
CA ALA B 194 -16.64 -22.05 24.85
C ALA B 194 -17.42 -22.67 26.00
N ILE B 195 -18.71 -22.92 25.77
CA ILE B 195 -19.61 -23.39 26.83
C ILE B 195 -19.21 -24.82 27.25
N LEU B 196 -19.03 -25.70 26.26
CA LEU B 196 -18.66 -27.11 26.50
C LEU B 196 -17.30 -27.32 27.17
N HIS B 197 -16.29 -26.58 26.71
CA HIS B 197 -14.91 -26.75 27.17
C HIS B 197 -14.29 -25.39 27.52
N PRO B 198 -14.65 -24.84 28.70
CA PRO B 198 -14.31 -23.47 29.10
C PRO B 198 -12.82 -23.20 29.43
N LYS B 199 -12.22 -24.04 30.27
CA LYS B 199 -10.79 -23.91 30.58
C LYS B 199 -9.91 -24.25 29.37
N LYS B 200 -10.38 -25.15 28.53
CA LYS B 200 -9.73 -25.44 27.24
C LYS B 200 -9.82 -24.20 26.33
N TYR B 201 -11.00 -23.58 26.30
CA TYR B 201 -11.21 -22.32 25.57
C TYR B 201 -10.29 -21.22 26.10
N GLU B 202 -10.26 -21.05 27.42
CA GLU B 202 -9.39 -20.07 28.08
C GLU B 202 -7.93 -20.24 27.69
N GLU B 203 -7.45 -21.48 27.77
CA GLU B 203 -6.07 -21.81 27.39
C GLU B 203 -5.75 -21.37 25.96
N ILE B 204 -6.66 -21.64 25.03
CA ILE B 204 -6.50 -21.28 23.62
C ILE B 204 -6.42 -19.75 23.47
N VAL B 205 -7.41 -19.04 24.02
CA VAL B 205 -7.43 -17.58 23.95
C VAL B 205 -6.25 -16.95 24.73
N ARG B 206 -5.80 -17.60 25.80
CA ARG B 206 -4.56 -17.22 26.51
C ARG B 206 -3.33 -17.38 25.60
N LEU B 207 -3.21 -18.56 25.00
CA LEU B 207 -2.13 -18.86 24.05
C LEU B 207 -2.15 -17.95 22.81
N VAL B 208 -3.35 -17.69 22.29
CA VAL B 208 -3.56 -16.74 21.20
C VAL B 208 -3.19 -15.31 21.63
N ALA B 209 -3.56 -14.93 22.86
CA ALA B 209 -3.22 -13.60 23.41
C ALA B 209 -1.71 -13.42 23.65
N GLY B 210 -1.04 -14.49 24.10
CA GLY B 210 0.37 -14.45 24.46
C GLY B 210 1.31 -13.88 23.41
N ARG B 211 1.38 -14.54 22.26
CA ARG B 211 2.24 -14.12 21.14
C ARG B 211 1.47 -13.33 20.05
N ALA B 212 0.41 -12.64 20.45
CA ALA B 212 -0.36 -11.76 19.56
C ALA B 212 0.46 -10.56 19.01
N PRO B 213 1.26 -9.89 19.87
CA PRO B 213 2.03 -8.73 19.36
C PRO B 213 3.08 -9.07 18.29
N SER B 214 3.81 -10.17 18.50
CA SER B 214 4.81 -10.65 17.55
C SER B 214 4.20 -11.16 16.22
N ARG B 215 3.01 -11.76 16.32
CA ARG B 215 2.29 -12.27 15.13
C ARG B 215 1.55 -11.17 14.37
N ASP B 216 0.99 -10.20 15.09
CA ASP B 216 0.35 -9.02 14.47
C ASP B 216 1.35 -8.15 13.72
N THR B 217 2.62 -8.15 14.14
CA THR B 217 3.68 -7.43 13.45
C THR B 217 4.05 -8.11 12.12
N TYR B 218 4.26 -9.44 12.16
CA TYR B 218 4.50 -10.24 10.95
C TYR B 218 3.54 -9.93 9.80
N LEU B 219 2.24 -10.01 10.11
CA LEU B 219 1.18 -9.74 9.12
C LEU B 219 1.33 -8.35 8.50
N ALA B 220 1.48 -7.35 9.36
CA ALA B 220 1.66 -5.95 8.92
C ALA B 220 2.80 -5.76 7.92
N LYS B 221 3.87 -6.53 8.08
CA LYS B 221 4.98 -6.55 7.12
C LYS B 221 4.59 -7.29 5.83
N VAL B 222 3.97 -8.46 5.98
CA VAL B 222 3.56 -9.30 4.83
C VAL B 222 2.51 -8.60 3.97
N ARG B 223 1.50 -8.02 4.61
CA ARG B 223 0.53 -7.12 3.96
C ARG B 223 1.20 -6.08 3.07
N ALA B 224 2.11 -5.32 3.69
CA ALA B 224 2.84 -4.24 3.02
C ALA B 224 3.67 -4.78 1.86
N GLU B 225 4.38 -5.88 2.11
CA GLU B 225 5.20 -6.53 1.09
C GLU B 225 4.37 -7.04 -0.09
N ILE B 226 3.22 -7.64 0.20
CA ILE B 226 2.29 -8.12 -0.83
C ILE B 226 1.61 -6.96 -1.58
N VAL B 227 1.08 -5.99 -0.86
CA VAL B 227 0.24 -4.93 -1.45
C VAL B 227 1.01 -3.95 -2.37
N ASN B 228 2.26 -3.63 -2.02
CA ASN B 228 3.07 -2.72 -2.85
C ASN B 228 3.45 -3.31 -4.22
N THR B 229 3.79 -4.59 -4.23
CA THR B 229 4.09 -5.29 -5.50
C THR B 229 2.83 -5.48 -6.36
N LEU B 230 1.69 -5.69 -5.72
CA LEU B 230 0.39 -5.71 -6.41
C LEU B 230 0.08 -4.38 -7.11
N THR B 231 0.32 -3.27 -6.41
CA THR B 231 0.08 -1.93 -6.98
C THR B 231 1.01 -1.64 -8.16
N ALA B 232 2.25 -2.14 -8.09
CA ALA B 232 3.18 -2.09 -9.22
C ALA B 232 2.67 -2.93 -10.39
N SER B 233 2.16 -4.13 -10.08
CA SER B 233 1.54 -5.01 -11.08
C SER B 233 0.19 -4.47 -11.61
N LYS B 234 -0.49 -3.66 -10.79
CA LYS B 234 -1.77 -3.00 -11.13
C LYS B 234 -2.98 -3.96 -11.04
N ILE B 235 -2.89 -4.94 -10.13
CA ILE B 235 -3.97 -5.89 -9.92
C ILE B 235 -4.90 -5.34 -8.84
N LYS B 236 -6.19 -5.24 -9.17
CA LYS B 236 -7.21 -4.75 -8.24
C LYS B 236 -7.54 -5.85 -7.22
N ALA B 237 -7.26 -5.60 -5.94
CA ALA B 237 -7.41 -6.63 -4.90
C ALA B 237 -7.52 -6.10 -3.46
N THR B 238 -8.23 -6.88 -2.63
CA THR B 238 -8.31 -6.67 -1.18
C THR B 238 -7.46 -7.77 -0.52
N VAL B 239 -6.83 -7.44 0.61
CA VAL B 239 -5.85 -8.35 1.24
C VAL B 239 -5.97 -8.43 2.76
N GLU B 240 -7.13 -8.85 3.28
CA GLU B 240 -7.33 -8.85 4.73
C GLU B 240 -6.50 -9.91 5.45
N GLY B 241 -6.55 -9.88 6.77
CA GLY B 241 -6.06 -10.99 7.58
C GLY B 241 -7.13 -12.06 7.65
N ARG B 242 -6.73 -13.32 7.69
CA ARG B 242 -7.66 -14.44 7.90
C ARG B 242 -8.26 -14.38 9.30
N PRO B 243 -9.59 -14.54 9.42
CA PRO B 243 -10.24 -14.60 10.73
C PRO B 243 -10.05 -15.98 11.39
N LYS B 244 -9.54 -15.97 12.61
CA LYS B 244 -9.12 -17.20 13.30
C LYS B 244 -10.22 -17.79 14.20
N HIS B 245 -10.17 -19.10 14.41
CA HIS B 245 -11.19 -19.85 15.13
C HIS B 245 -10.60 -20.83 16.17
N TYR B 246 -11.21 -20.87 17.36
CA TYR B 246 -10.65 -21.56 18.52
C TYR B 246 -10.88 -23.08 18.54
N TRP B 247 -12.08 -23.51 18.14
CA TRP B 247 -12.39 -24.94 18.02
C TRP B 247 -11.49 -25.62 16.97
N SER B 248 -11.22 -24.92 15.87
CA SER B 248 -10.24 -25.36 14.87
C SER B 248 -8.84 -25.49 15.46
N ILE B 249 -8.42 -24.48 16.22
CA ILE B 249 -7.14 -24.52 16.95
C ILE B 249 -7.06 -25.70 17.91
N TYR B 250 -8.16 -25.95 18.64
CA TYR B 250 -8.25 -27.07 19.57
C TYR B 250 -7.98 -28.41 18.89
N GLN B 251 -8.71 -28.69 17.81
CA GLN B 251 -8.49 -29.91 17.00
C GLN B 251 -7.14 -29.95 16.30
N LYS B 252 -6.64 -28.79 15.87
CA LYS B 252 -5.30 -28.69 15.26
C LYS B 252 -4.19 -29.06 16.23
N MET B 253 -4.30 -28.61 17.48
CA MET B 253 -3.33 -28.94 18.55
C MET B 253 -3.57 -30.33 19.18
N ILE B 254 -4.81 -30.82 19.13
CA ILE B 254 -5.15 -32.16 19.62
C ILE B 254 -4.47 -33.26 18.80
N VAL B 255 -4.53 -33.14 17.47
CA VAL B 255 -3.90 -34.11 16.55
C VAL B 255 -2.37 -33.92 16.41
N LYS B 256 -1.86 -32.76 16.82
CA LYS B 256 -0.41 -32.47 16.79
C LYS B 256 0.26 -32.44 18.17
N GLY B 257 -0.51 -32.64 19.24
CA GLY B 257 0.05 -32.69 20.59
C GLY B 257 0.28 -31.32 21.21
N ARG B 258 0.76 -31.33 22.45
CA ARG B 258 0.94 -30.10 23.23
C ARG B 258 2.03 -29.20 22.67
N ASP B 259 3.24 -29.75 22.52
CA ASP B 259 4.38 -29.00 21.99
C ASP B 259 4.23 -28.72 20.49
N PHE B 260 3.64 -27.56 20.18
CA PHE B 260 3.49 -27.09 18.81
C PHE B 260 3.82 -25.60 18.70
N ASP B 261 4.57 -25.24 17.65
CA ASP B 261 4.93 -23.84 17.39
C ASP B 261 3.72 -22.99 16.97
N ASP B 262 3.27 -22.18 17.93
CA ASP B 262 2.11 -21.27 17.81
C ASP B 262 2.40 -20.01 16.98
N ILE B 263 3.66 -19.57 16.95
CA ILE B 263 4.08 -18.31 16.31
C ILE B 263 3.66 -18.28 14.84
N HIS B 264 4.13 -19.27 14.09
CA HIS B 264 3.79 -19.39 12.67
C HIS B 264 2.32 -19.74 12.44
N ASP B 265 1.72 -20.52 13.35
CA ASP B 265 0.33 -20.96 13.19
C ASP B 265 -0.65 -19.80 13.13
N LEU B 266 -0.48 -18.85 14.05
CA LEU B 266 -1.38 -17.70 14.13
C LEU B 266 -0.93 -16.59 13.18
N VAL B 267 -0.92 -16.93 11.88
CA VAL B 267 -0.59 -16.02 10.81
C VAL B 267 -1.78 -16.10 9.83
N GLY B 268 -2.60 -15.06 9.81
CA GLY B 268 -3.77 -15.02 8.94
C GLY B 268 -3.56 -14.10 7.76
N VAL B 269 -3.71 -14.65 6.55
CA VAL B 269 -3.69 -13.86 5.33
C VAL B 269 -4.92 -14.15 4.46
N ARG B 270 -5.46 -13.08 3.89
CA ARG B 270 -6.68 -13.14 3.08
C ARG B 270 -6.41 -12.54 1.70
N ILE B 271 -6.93 -13.18 0.66
CA ILE B 271 -6.76 -12.74 -0.73
C ILE B 271 -8.08 -12.74 -1.49
N LEU B 272 -8.41 -11.60 -2.09
CA LEU B 272 -9.65 -11.44 -2.86
C LEU B 272 -9.41 -10.63 -4.12
N CYS B 273 -10.14 -10.94 -5.19
CA CYS B 273 -9.97 -10.28 -6.48
C CYS B 273 -11.25 -10.31 -7.32
N ASP B 274 -11.34 -9.40 -8.29
CA ASP B 274 -12.57 -9.24 -9.07
C ASP B 274 -12.84 -10.40 -10.03
N GLU B 275 -11.82 -10.79 -10.82
CA GLU B 275 -11.96 -11.81 -11.85
C GLU B 275 -11.07 -13.02 -11.58
N ILE B 276 -11.47 -14.18 -12.13
CA ILE B 276 -10.64 -15.40 -12.11
C ILE B 276 -9.21 -15.14 -12.60
N ARG B 277 -9.07 -14.32 -13.64
CA ARG B 277 -7.77 -13.88 -14.16
C ARG B 277 -6.88 -13.37 -13.01
N ASP B 278 -7.43 -12.46 -12.21
CA ASP B 278 -6.72 -11.85 -11.09
C ASP B 278 -6.40 -12.86 -9.98
N CYS B 279 -7.27 -13.86 -9.80
CA CYS B 279 -7.04 -14.95 -8.84
C CYS B 279 -5.72 -15.67 -9.11
N TYR B 280 -5.49 -16.05 -10.38
CA TYR B 280 -4.22 -16.66 -10.78
C TYR B 280 -3.05 -15.68 -10.71
N ALA B 281 -3.29 -14.42 -11.12
CA ALA B 281 -2.27 -13.37 -11.03
C ALA B 281 -1.68 -13.17 -9.63
N ALA B 282 -2.51 -13.34 -8.60
CA ALA B 282 -2.07 -13.26 -7.21
C ALA B 282 -1.02 -14.31 -6.87
N VAL B 283 -1.28 -15.56 -7.24
CA VAL B 283 -0.32 -16.66 -7.07
C VAL B 283 1.06 -16.25 -7.60
N GLY B 284 1.06 -15.51 -8.72
CA GLY B 284 2.28 -14.89 -9.26
C GLY B 284 3.03 -14.01 -8.27
N VAL B 285 2.37 -12.96 -7.77
CA VAL B 285 3.04 -12.01 -6.86
C VAL B 285 3.51 -12.67 -5.56
N VAL B 286 2.68 -13.57 -5.01
CA VAL B 286 3.03 -14.30 -3.77
C VAL B 286 4.36 -15.02 -3.95
N HIS B 287 4.44 -15.82 -5.01
CA HIS B 287 5.66 -16.58 -5.32
C HIS B 287 6.85 -15.68 -5.70
N SER B 288 6.58 -14.55 -6.34
CA SER B 288 7.61 -13.55 -6.61
C SER B 288 8.35 -13.08 -5.33
N LEU B 289 7.66 -13.16 -4.19
CA LEU B 289 8.23 -12.77 -2.89
C LEU B 289 8.73 -13.93 -2.00
N TRP B 290 8.15 -15.12 -2.13
CA TRP B 290 8.49 -16.27 -1.25
C TRP B 290 8.48 -17.63 -1.96
N GLN B 291 9.35 -18.53 -1.51
CA GLN B 291 9.51 -19.87 -2.13
C GLN B 291 8.34 -20.80 -1.77
N PRO B 292 7.60 -21.30 -2.78
CA PRO B 292 6.48 -22.21 -2.46
C PRO B 292 6.91 -23.60 -1.97
N MET B 293 6.02 -24.23 -1.19
CA MET B 293 6.22 -25.60 -0.72
C MET B 293 5.46 -26.58 -1.63
N ALA B 294 6.10 -27.71 -1.93
CA ALA B 294 5.52 -28.71 -2.83
C ALA B 294 4.38 -29.48 -2.17
N GLY B 295 3.52 -30.10 -2.98
CA GLY B 295 2.48 -30.99 -2.50
C GLY B 295 1.22 -30.31 -1.98
N ARG B 296 1.37 -29.48 -0.96
CA ARG B 296 0.25 -28.79 -0.30
C ARG B 296 -0.57 -27.86 -1.21
N PHE B 297 0.06 -27.37 -2.28
CA PHE B 297 -0.61 -26.55 -3.32
C PHE B 297 -1.91 -27.17 -3.82
N LYS B 298 -2.95 -26.34 -3.97
CA LYS B 298 -4.25 -26.77 -4.53
C LYS B 298 -4.85 -25.73 -5.48
N ASP B 299 -5.76 -26.18 -6.33
CA ASP B 299 -6.50 -25.34 -7.28
C ASP B 299 -7.95 -25.82 -7.38
N TYR B 300 -8.79 -25.33 -6.47
CA TYR B 300 -10.22 -25.71 -6.44
C TYR B 300 -11.08 -24.97 -7.48
N ILE B 301 -10.53 -23.93 -8.12
CA ILE B 301 -11.16 -23.32 -9.30
C ILE B 301 -11.10 -24.31 -10.48
N ALA B 302 -9.94 -24.94 -10.65
CA ALA B 302 -9.74 -25.96 -11.68
C ALA B 302 -10.54 -27.24 -11.40
N GLN B 303 -10.53 -27.68 -10.13
CA GLN B 303 -11.24 -28.89 -9.69
C GLN B 303 -12.12 -28.57 -8.46
N PRO B 304 -13.42 -28.27 -8.67
CA PRO B 304 -14.30 -27.89 -7.55
C PRO B 304 -14.51 -28.99 -6.51
N ARG B 305 -14.34 -28.65 -5.24
CA ARG B 305 -14.67 -29.57 -4.15
C ARG B 305 -16.20 -29.67 -4.06
N TYR B 306 -16.70 -30.91 -4.13
CA TYR B 306 -18.14 -31.20 -4.07
C TYR B 306 -18.99 -30.48 -5.14
N GLY B 307 -18.34 -30.04 -6.22
CA GLY B 307 -18.98 -29.20 -7.25
C GLY B 307 -19.01 -27.71 -6.98
N VAL B 308 -18.91 -27.30 -5.72
CA VAL B 308 -19.33 -25.96 -5.28
C VAL B 308 -18.25 -25.11 -4.60
N TYR B 309 -17.04 -25.66 -4.38
CA TYR B 309 -15.98 -24.94 -3.68
C TYR B 309 -14.87 -24.58 -4.67
N GLN B 310 -14.78 -23.29 -4.99
CA GLN B 310 -13.77 -22.73 -5.89
C GLN B 310 -12.89 -21.74 -5.14
N SER B 311 -11.58 -22.02 -5.12
CA SER B 311 -10.61 -21.29 -4.31
C SER B 311 -9.19 -21.81 -4.60
N LEU B 312 -8.18 -20.97 -4.35
CA LEU B 312 -6.78 -21.34 -4.52
C LEU B 312 -6.06 -21.30 -3.18
N HIS B 313 -5.61 -22.47 -2.71
CA HIS B 313 -4.87 -22.59 -1.45
C HIS B 313 -3.39 -22.84 -1.75
N THR B 314 -2.51 -22.02 -1.15
CA THR B 314 -1.07 -22.19 -1.32
C THR B 314 -0.32 -21.85 -0.03
N THR B 315 0.67 -22.70 0.28
CA THR B 315 1.57 -22.52 1.43
C THR B 315 2.97 -22.26 0.91
N VAL B 316 3.63 -21.24 1.49
CA VAL B 316 4.99 -20.87 1.09
C VAL B 316 5.87 -20.73 2.35
N VAL B 317 7.17 -21.00 2.18
CA VAL B 317 8.14 -20.76 3.26
C VAL B 317 8.34 -19.25 3.34
N GLY B 318 8.21 -18.71 4.55
CA GLY B 318 7.94 -17.30 4.75
C GLY B 318 9.13 -16.38 4.94
N PRO B 319 8.86 -15.10 5.31
CA PRO B 319 9.90 -14.08 5.50
C PRO B 319 10.89 -14.40 6.63
N GLU B 320 10.43 -15.13 7.66
CA GLU B 320 11.30 -15.68 8.70
C GLU B 320 11.24 -17.21 8.70
N GLY B 321 11.21 -17.81 7.51
CA GLY B 321 11.13 -19.25 7.35
C GLY B 321 9.92 -19.93 7.97
N LYS B 322 8.77 -19.24 7.95
CA LYS B 322 7.52 -19.74 8.54
C LYS B 322 6.51 -20.16 7.46
N PRO B 323 5.95 -21.39 7.56
CA PRO B 323 4.88 -21.78 6.63
C PRO B 323 3.64 -20.87 6.75
N LEU B 324 3.33 -20.14 5.67
CA LEU B 324 2.23 -19.18 5.65
C LEU B 324 1.18 -19.56 4.60
N GLU B 325 -0.03 -19.84 5.07
CA GLU B 325 -1.13 -20.33 4.22
C GLU B 325 -1.85 -19.18 3.54
N VAL B 326 -1.65 -19.04 2.23
CA VAL B 326 -2.32 -18.01 1.41
C VAL B 326 -3.53 -18.62 0.71
N GLN B 327 -4.62 -17.85 0.65
CA GLN B 327 -5.93 -18.33 0.18
C GLN B 327 -6.60 -17.32 -0.77
N ILE B 328 -6.20 -17.37 -2.05
CA ILE B 328 -6.76 -16.50 -3.10
C ILE B 328 -8.10 -17.02 -3.59
N ARG B 329 -9.09 -16.12 -3.70
CA ARG B 329 -10.41 -16.45 -4.26
C ARG B 329 -11.21 -15.17 -4.55
N THR B 330 -12.14 -15.25 -5.51
CA THR B 330 -12.88 -14.07 -5.96
C THR B 330 -13.98 -13.62 -4.98
N ARG B 331 -14.45 -12.40 -5.18
CA ARG B 331 -15.56 -11.83 -4.40
C ARG B 331 -16.84 -12.66 -4.57
N ASP B 332 -17.14 -13.00 -5.82
CA ASP B 332 -18.26 -13.88 -6.15
C ASP B 332 -18.09 -15.27 -5.51
N MET B 333 -16.86 -15.80 -5.54
CA MET B 333 -16.53 -17.05 -4.86
C MET B 333 -16.59 -16.93 -3.33
N HIS B 334 -16.28 -15.75 -2.80
CA HIS B 334 -16.43 -15.47 -1.36
C HIS B 334 -17.90 -15.53 -0.95
N ARG B 335 -18.76 -14.85 -1.72
CA ARG B 335 -20.21 -14.96 -1.55
C ARG B 335 -20.65 -16.43 -1.41
N THR B 336 -20.09 -17.32 -2.23
CA THR B 336 -20.33 -18.76 -2.09
C THR B 336 -19.64 -19.32 -0.83
N ALA B 337 -18.31 -19.17 -0.77
CA ALA B 337 -17.48 -19.79 0.27
C ALA B 337 -17.94 -19.55 1.72
N GLU B 338 -18.33 -18.32 2.03
CA GLU B 338 -18.81 -17.98 3.37
C GLU B 338 -20.33 -17.96 3.49
N TYR B 339 -21.03 -17.43 2.48
CA TYR B 339 -22.49 -17.31 2.55
C TYR B 339 -23.19 -18.63 2.26
N GLY B 340 -22.70 -19.36 1.25
CA GLY B 340 -23.17 -20.71 0.86
C GLY B 340 -24.64 -21.02 0.91
N ILE B 341 -25.39 -20.36 0.02
CA ILE B 341 -26.86 -20.41 -0.01
C ILE B 341 -27.55 -21.76 -0.18
N ALA B 342 -27.03 -22.63 -1.05
CA ALA B 342 -27.74 -23.84 -1.45
C ALA B 342 -26.81 -25.03 -1.65
N ALA B 343 -27.31 -26.21 -1.32
CA ALA B 343 -26.59 -27.47 -1.47
C ALA B 343 -27.52 -28.48 -2.12
N HIS B 344 -26.94 -29.38 -2.91
CA HIS B 344 -27.72 -30.36 -3.68
C HIS B 344 -27.08 -31.75 -3.68
N TRP B 345 -25.84 -31.83 -4.15
CA TRP B 345 -25.11 -33.09 -4.22
C TRP B 345 -24.74 -33.67 -2.85
N ARG B 346 -24.15 -32.84 -1.98
CA ARG B 346 -23.51 -33.33 -0.75
C ARG B 346 -24.43 -34.09 0.20
N TYR B 347 -23.88 -35.12 0.84
CA TYR B 347 -24.62 -35.99 1.75
C TYR B 347 -23.66 -36.85 2.59
N LYS B 348 -24.03 -37.08 3.84
CA LYS B 348 -23.21 -37.87 4.76
C LYS B 348 -24.08 -38.50 5.85
N ALA B 362 -37.79 -31.49 -0.64
CA ALA B 362 -36.98 -32.69 -0.80
C ALA B 362 -35.66 -32.59 -0.06
N ALA B 363 -35.03 -31.42 -0.10
CA ALA B 363 -33.89 -31.15 0.76
C ALA B 363 -34.23 -31.56 2.19
N GLU B 364 -35.47 -31.29 2.58
CA GLU B 364 -35.99 -31.72 3.88
C GLU B 364 -35.85 -33.23 4.07
N ILE B 365 -36.25 -34.02 3.08
CA ILE B 365 -36.15 -35.47 3.22
C ILE B 365 -34.69 -35.82 3.50
N ASP B 366 -33.79 -35.29 2.68
CA ASP B 366 -32.37 -35.60 2.83
C ASP B 366 -31.93 -35.31 4.24
N ASP B 367 -32.15 -34.08 4.69
CA ASP B 367 -31.65 -33.66 5.99
C ASP B 367 -32.26 -34.46 7.13
N MET B 368 -33.58 -34.64 7.12
CA MET B 368 -34.25 -35.36 8.21
C MET B 368 -33.74 -36.78 8.25
N ALA B 369 -33.69 -37.41 7.08
CA ALA B 369 -33.19 -38.78 6.95
C ALA B 369 -31.76 -38.89 7.44
N TRP B 370 -30.93 -37.91 7.10
CA TRP B 370 -29.52 -37.91 7.49
C TRP B 370 -29.33 -37.66 9.00
N MET B 371 -30.12 -36.78 9.59
CA MET B 371 -30.11 -36.64 11.06
C MET B 371 -30.52 -37.97 11.66
N ARG B 372 -31.48 -38.62 10.99
CA ARG B 372 -31.97 -39.95 11.36
C ARG B 372 -30.89 -41.03 11.33
N GLN B 373 -30.02 -41.00 10.32
CA GLN B 373 -28.90 -41.95 10.24
C GLN B 373 -27.96 -41.81 11.44
N VAL C 11 11.23 -6.91 -55.12
CA VAL C 11 12.62 -6.82 -54.53
C VAL C 11 13.08 -5.37 -54.26
N LEU C 12 12.88 -4.48 -55.22
CA LEU C 12 13.26 -3.06 -55.07
C LEU C 12 12.22 -2.24 -54.29
N GLU C 13 10.94 -2.58 -54.44
CA GLU C 13 9.82 -1.89 -53.76
C GLU C 13 9.48 -2.31 -52.31
N PRO C 14 9.35 -3.63 -52.03
CA PRO C 14 8.71 -4.11 -50.78
C PRO C 14 9.36 -3.72 -49.44
N LEU C 15 10.60 -3.25 -49.45
CA LEU C 15 11.26 -2.76 -48.23
C LEU C 15 10.57 -1.54 -47.59
N VAL C 16 9.96 -0.69 -48.42
CA VAL C 16 9.20 0.48 -47.97
C VAL C 16 8.00 0.11 -47.09
N ALA C 17 7.28 -0.94 -47.50
CA ALA C 17 6.09 -1.40 -46.79
C ALA C 17 6.37 -1.81 -45.34
N VAL C 18 7.49 -2.50 -45.12
CA VAL C 18 7.90 -2.96 -43.77
C VAL C 18 8.26 -1.76 -42.88
N HIS C 19 8.85 -0.73 -43.46
CA HIS C 19 9.15 0.52 -42.75
C HIS C 19 7.88 1.32 -42.44
N ARG C 20 7.03 1.50 -43.45
CA ARG C 20 5.86 2.40 -43.37
C ARG C 20 4.83 2.01 -42.29
N GLU C 21 4.65 0.71 -42.05
CA GLU C 21 3.72 0.22 -41.02
C GLU C 21 4.02 0.74 -39.60
N ILE C 22 5.31 0.95 -39.31
CA ILE C 22 5.74 1.42 -37.98
C ILE C 22 5.30 2.87 -37.77
N TYR C 23 5.45 3.69 -38.82
CA TYR C 23 5.11 5.12 -38.74
C TYR C 23 4.71 5.73 -40.08
N PRO C 24 3.54 6.41 -40.14
CA PRO C 24 3.26 7.24 -41.31
C PRO C 24 4.14 8.49 -41.29
N LYS C 25 5.30 8.39 -41.95
CA LYS C 25 6.35 9.41 -41.90
C LYS C 25 6.31 10.39 -43.08
N ALA C 26 6.95 11.54 -42.89
CA ALA C 26 7.08 12.57 -43.92
C ALA C 26 8.47 12.53 -44.55
N ASP C 27 8.64 13.27 -45.65
CA ASP C 27 9.87 13.29 -46.46
C ASP C 27 10.19 11.88 -46.98
N LEU C 28 9.19 11.28 -47.62
CA LEU C 28 9.28 9.92 -48.14
C LEU C 28 10.23 9.80 -49.34
N SER C 29 10.40 10.91 -50.07
CA SER C 29 11.28 10.97 -51.23
C SER C 29 12.75 10.61 -50.94
N ILE C 30 13.25 11.00 -49.76
CA ILE C 30 14.65 10.74 -49.39
C ILE C 30 15.06 9.27 -49.56
N LEU C 31 14.14 8.34 -49.28
CA LEU C 31 14.34 6.90 -49.52
C LEU C 31 14.60 6.63 -51.00
N GLN C 32 13.76 7.23 -51.85
CA GLN C 32 13.87 7.07 -53.30
C GLN C 32 15.20 7.62 -53.80
N ARG C 33 15.56 8.82 -53.34
CA ARG C 33 16.88 9.40 -53.62
C ARG C 33 18.03 8.51 -53.11
N ALA C 34 17.88 7.98 -51.90
CA ALA C 34 18.91 7.14 -51.26
C ALA C 34 19.27 5.91 -52.10
N TYR C 35 18.26 5.14 -52.50
CA TYR C 35 18.47 3.96 -53.35
C TYR C 35 18.90 4.33 -54.76
N GLU C 36 18.22 5.31 -55.38
CA GLU C 36 18.50 5.73 -56.77
C GLU C 36 19.95 6.18 -56.97
N VAL C 37 20.44 7.01 -56.06
CA VAL C 37 21.84 7.48 -56.09
C VAL C 37 22.83 6.34 -55.78
N ALA C 38 22.41 5.40 -54.93
CA ALA C 38 23.19 4.19 -54.63
C ALA C 38 23.17 3.16 -55.76
N ASP C 39 22.03 3.04 -56.46
CA ASP C 39 21.89 2.12 -57.59
C ASP C 39 22.82 2.53 -58.73
N GLN C 40 22.76 3.81 -59.10
CA GLN C 40 23.67 4.39 -60.10
C GLN C 40 25.12 4.49 -59.58
N ARG C 41 25.26 4.65 -58.27
CA ARG C 41 26.56 4.68 -57.59
C ARG C 41 27.31 5.97 -57.89
N TYR C 53 26.09 -6.59 -58.38
CA TYR C 53 25.58 -7.06 -57.10
C TYR C 53 25.45 -5.90 -56.10
N ILE C 54 24.36 -5.15 -56.21
CA ILE C 54 24.04 -4.03 -55.30
C ILE C 54 23.03 -4.42 -54.20
N THR C 55 22.82 -5.71 -54.00
CA THR C 55 21.82 -6.23 -53.06
C THR C 55 22.22 -6.05 -51.58
N HIS C 56 23.52 -5.95 -51.31
CA HIS C 56 24.02 -5.84 -49.94
C HIS C 56 23.49 -4.62 -49.15
N PRO C 57 23.41 -3.43 -49.80
CA PRO C 57 22.75 -2.28 -49.14
C PRO C 57 21.24 -2.48 -48.82
N LEU C 58 20.45 -2.82 -49.85
CA LEU C 58 19.01 -3.06 -49.70
C LEU C 58 18.68 -4.13 -48.67
N ALA C 59 19.35 -5.27 -48.82
CA ALA C 59 19.15 -6.42 -47.94
C ALA C 59 19.42 -6.07 -46.47
N VAL C 60 20.52 -5.35 -46.22
CA VAL C 60 20.78 -4.77 -44.90
C VAL C 60 19.65 -3.84 -44.51
N ALA C 61 19.34 -2.87 -45.38
CA ALA C 61 18.28 -1.89 -45.17
C ALA C 61 16.93 -2.52 -44.77
N ASN C 62 16.63 -3.70 -45.32
CA ASN C 62 15.44 -4.46 -44.93
C ASN C 62 15.52 -4.94 -43.50
N ILE C 63 16.70 -5.45 -43.12
CA ILE C 63 16.92 -5.98 -41.77
C ILE C 63 16.82 -4.85 -40.74
N LEU C 64 17.43 -3.71 -41.03
CA LEU C 64 17.34 -2.54 -40.18
C LEU C 64 15.87 -2.09 -40.08
N ALA C 65 15.17 -2.16 -41.20
CA ALA C 65 13.74 -1.85 -41.26
C ALA C 65 12.89 -2.83 -40.44
N GLU C 66 13.26 -4.12 -40.46
CA GLU C 66 12.61 -5.15 -39.62
C GLU C 66 12.80 -4.87 -38.12
N LEU C 67 13.99 -4.39 -37.75
CA LEU C 67 14.25 -3.93 -36.38
C LEU C 67 13.40 -2.69 -36.07
N GLY C 68 13.34 -1.77 -37.03
CA GLY C 68 12.54 -0.55 -36.95
C GLY C 68 13.36 0.69 -36.64
N MET C 69 14.46 0.85 -37.36
CA MET C 69 15.37 1.98 -37.18
C MET C 69 14.89 3.19 -37.99
N ASP C 70 15.55 4.33 -37.79
CA ASP C 70 15.14 5.60 -38.42
C ASP C 70 15.28 5.58 -39.95
N THR C 71 14.50 6.43 -40.60
CA THR C 71 14.58 6.58 -42.06
C THR C 71 15.96 7.11 -42.49
N THR C 72 16.57 7.95 -41.65
CA THR C 72 17.95 8.41 -41.87
C THR C 72 18.96 7.26 -41.83
N THR C 73 18.76 6.32 -40.90
CA THR C 73 19.57 5.09 -40.85
C THR C 73 19.33 4.20 -42.08
N LEU C 74 18.08 4.11 -42.54
CA LEU C 74 17.76 3.43 -43.80
C LEU C 74 18.44 4.10 -45.00
N VAL C 75 18.44 5.43 -45.02
CA VAL C 75 19.15 6.19 -46.04
C VAL C 75 20.65 5.90 -45.97
N ALA C 76 21.20 5.89 -44.75
CA ALA C 76 22.62 5.56 -44.52
C ALA C 76 22.96 4.14 -44.95
N ALA C 77 22.12 3.19 -44.54
CA ALA C 77 22.18 1.78 -44.95
C ALA C 77 22.53 1.61 -46.44
N LEU C 78 21.77 2.30 -47.27
CA LEU C 78 21.86 2.14 -48.73
C LEU C 78 23.13 2.71 -49.36
N LEU C 79 23.73 3.74 -48.74
CA LEU C 79 24.90 4.43 -49.29
C LEU C 79 26.23 4.22 -48.55
N HIS C 80 26.32 3.17 -47.72
CA HIS C 80 27.50 2.93 -46.88
C HIS C 80 28.77 2.62 -47.66
N ASP C 81 28.68 1.61 -48.51
CA ASP C 81 29.84 1.08 -49.24
C ASP C 81 30.13 1.83 -50.55
N THR C 82 29.52 3.00 -50.77
CA THR C 82 29.80 3.80 -51.96
C THR C 82 31.23 4.36 -51.95
N VAL C 83 31.63 5.02 -50.87
CA VAL C 83 32.86 5.83 -50.87
C VAL C 83 34.12 4.99 -51.12
N GLU C 84 34.17 3.80 -50.52
CA GLU C 84 35.29 2.88 -50.72
C GLU C 84 35.31 2.29 -52.15
N ASP C 85 34.14 1.90 -52.64
CA ASP C 85 34.01 1.30 -53.99
C ASP C 85 33.98 2.33 -55.12
N THR C 86 33.22 3.41 -54.93
CA THR C 86 33.05 4.47 -55.93
C THR C 86 34.07 5.60 -55.78
N GLY C 87 34.22 6.38 -56.87
CA GLY C 87 35.07 7.56 -56.87
C GLY C 87 34.54 8.71 -56.02
N TYR C 88 33.22 8.78 -55.84
CA TYR C 88 32.60 9.86 -55.06
C TYR C 88 32.94 9.76 -53.57
N THR C 89 32.84 10.91 -52.89
CA THR C 89 33.34 11.07 -51.51
C THR C 89 32.30 11.60 -50.54
N LEU C 90 32.62 11.50 -49.24
CA LEU C 90 31.76 11.95 -48.13
C LEU C 90 31.30 13.40 -48.25
N GLU C 91 32.22 14.27 -48.68
CA GLU C 91 31.92 15.69 -48.90
C GLU C 91 30.79 15.91 -49.90
N ALA C 92 30.74 15.08 -50.94
CA ALA C 92 29.62 15.08 -51.89
C ALA C 92 28.36 14.47 -51.27
N LEU C 93 28.51 13.37 -50.54
CA LEU C 93 27.38 12.68 -49.89
C LEU C 93 26.66 13.57 -48.87
N THR C 94 27.39 14.06 -47.88
CA THR C 94 26.83 14.88 -46.79
C THR C 94 26.06 16.12 -47.29
N GLU C 95 26.55 16.72 -48.38
CA GLU C 95 25.93 17.91 -48.96
C GLU C 95 24.51 17.61 -49.47
N GLU C 96 24.37 16.54 -50.24
CA GLU C 96 23.10 16.12 -50.82
C GLU C 96 22.03 15.74 -49.79
N PHE C 97 22.41 14.93 -48.80
CA PHE C 97 21.45 14.38 -47.82
C PHE C 97 21.42 15.18 -46.51
N GLY C 98 22.59 15.39 -45.90
CA GLY C 98 22.69 16.16 -44.65
C GLY C 98 23.87 15.79 -43.77
N GLU C 99 23.87 16.35 -42.56
CA GLU C 99 24.95 16.16 -41.57
C GLU C 99 24.94 14.76 -40.99
N GLU C 100 23.74 14.26 -40.69
CA GLU C 100 23.56 12.94 -40.06
C GLU C 100 24.10 11.82 -40.94
N VAL C 101 23.81 11.89 -42.23
CA VAL C 101 24.29 10.89 -43.19
C VAL C 101 25.82 10.91 -43.26
N GLY C 102 26.41 12.11 -43.22
CA GLY C 102 27.86 12.29 -43.20
C GLY C 102 28.57 11.61 -42.03
N HIS C 103 27.96 11.70 -40.85
CA HIS C 103 28.50 11.05 -39.63
C HIS C 103 28.31 9.53 -39.69
N LEU C 104 27.08 9.09 -39.95
CA LEU C 104 26.74 7.66 -39.92
C LEU C 104 27.46 6.84 -40.99
N VAL C 105 27.58 7.39 -42.20
CA VAL C 105 28.30 6.71 -43.29
C VAL C 105 29.80 6.61 -43.01
N ASP C 106 30.40 7.67 -42.44
CA ASP C 106 31.83 7.65 -42.08
C ASP C 106 32.08 6.80 -40.83
N GLY C 107 31.31 7.08 -39.78
CA GLY C 107 31.42 6.39 -38.49
C GLY C 107 31.49 4.88 -38.55
N VAL C 108 30.65 4.27 -39.40
CA VAL C 108 30.64 2.82 -39.60
C VAL C 108 31.90 2.34 -40.35
N THR C 109 32.32 3.09 -41.36
CA THR C 109 33.54 2.79 -42.12
C THR C 109 34.79 2.78 -41.22
N LYS C 110 34.80 3.65 -40.20
CA LYS C 110 35.88 3.71 -39.22
C LYS C 110 36.01 2.41 -38.40
N LEU C 111 34.87 1.76 -38.11
CA LEU C 111 34.85 0.45 -37.45
C LEU C 111 35.26 -0.66 -38.42
N ASP C 112 36.57 -0.88 -38.54
CA ASP C 112 37.12 -1.81 -39.54
C ASP C 112 36.98 -3.31 -39.20
N ARG C 113 37.70 -3.78 -38.18
CA ARG C 113 37.77 -5.21 -37.85
C ARG C 113 38.26 -5.44 -36.43
N ARG C 137 23.63 4.43 -33.47
CA ARG C 137 23.09 4.03 -34.77
C ARG C 137 24.15 3.42 -35.68
N VAL C 138 25.33 4.05 -35.71
CA VAL C 138 26.54 3.50 -36.37
C VAL C 138 26.82 2.07 -35.89
N LEU C 139 26.64 1.83 -34.59
CA LEU C 139 26.93 0.55 -33.97
C LEU C 139 25.93 -0.56 -34.33
N VAL C 140 24.64 -0.22 -34.41
CA VAL C 140 23.60 -1.20 -34.81
C VAL C 140 23.64 -1.52 -36.31
N ILE C 141 23.92 -0.50 -37.13
CA ILE C 141 24.07 -0.64 -38.57
C ILE C 141 25.11 -1.70 -38.95
N LYS C 142 26.27 -1.67 -38.30
CA LYS C 142 27.32 -2.66 -38.54
C LYS C 142 26.85 -4.09 -38.29
N VAL C 143 26.13 -4.29 -37.19
CA VAL C 143 25.64 -5.62 -36.81
C VAL C 143 24.80 -6.22 -37.95
N ALA C 144 23.98 -5.38 -38.59
CA ALA C 144 23.21 -5.78 -39.76
C ALA C 144 24.11 -6.13 -40.95
N ASP C 145 24.99 -5.22 -41.32
CA ASP C 145 25.98 -5.45 -42.39
C ASP C 145 26.62 -6.83 -42.27
N ARG C 146 27.14 -7.13 -41.08
CA ARG C 146 27.86 -8.37 -40.82
C ARG C 146 26.93 -9.59 -40.84
N LEU C 147 25.80 -9.48 -40.14
CA LEU C 147 24.73 -10.49 -40.18
C LEU C 147 24.48 -11.06 -41.58
N HIS C 148 24.34 -10.17 -42.56
CA HIS C 148 24.09 -10.56 -43.94
C HIS C 148 25.29 -11.32 -44.51
N ASN C 149 26.46 -10.70 -44.46
CA ASN C 149 27.71 -11.32 -44.90
C ASN C 149 27.92 -12.72 -44.29
N MET C 150 27.54 -12.88 -43.03
CA MET C 150 27.54 -14.19 -42.36
C MET C 150 26.48 -15.13 -42.94
N ARG C 151 25.27 -14.63 -43.15
CA ARG C 151 24.18 -15.44 -43.74
C ARG C 151 24.51 -15.94 -45.15
N THR C 152 25.13 -15.09 -45.97
CA THR C 152 25.53 -15.46 -47.33
C THR C 152 27.05 -15.62 -47.41
N MET C 153 27.50 -16.86 -47.62
CA MET C 153 28.92 -17.19 -47.71
C MET C 153 29.21 -17.97 -48.98
N ARG C 154 29.04 -17.31 -50.12
CA ARG C 154 29.54 -17.82 -51.39
C ARG C 154 31.06 -17.91 -51.34
N PHE C 155 31.69 -16.91 -50.71
CA PHE C 155 33.15 -16.81 -50.63
C PHE C 155 33.72 -17.51 -49.37
N LEU C 156 33.63 -18.84 -49.39
CA LEU C 156 34.45 -19.70 -48.52
C LEU C 156 35.98 -19.67 -48.82
N PRO C 157 36.41 -19.41 -50.10
CA PRO C 157 37.85 -19.32 -50.39
C PRO C 157 38.77 -18.58 -49.40
N PRO C 158 38.47 -17.29 -49.10
CA PRO C 158 39.43 -16.55 -48.29
C PRO C 158 39.42 -16.99 -46.82
N GLU C 159 40.54 -16.78 -46.13
CA GLU C 159 40.67 -17.07 -44.68
C GLU C 159 39.63 -16.35 -43.85
N LYS C 160 39.22 -15.19 -44.36
CA LYS C 160 38.01 -14.48 -43.96
C LYS C 160 36.86 -15.39 -43.51
N GLN C 161 36.59 -16.46 -44.25
CA GLN C 161 35.54 -17.43 -43.87
C GLN C 161 35.68 -17.93 -42.43
N ALA C 162 36.87 -18.43 -42.13
CA ALA C 162 37.18 -18.92 -40.79
C ALA C 162 37.38 -17.77 -39.82
N ARG C 163 38.11 -16.74 -40.26
CA ARG C 163 38.55 -15.67 -39.38
C ARG C 163 37.44 -14.68 -39.02
N LYS C 164 36.66 -14.26 -40.01
CA LYS C 164 35.50 -13.38 -39.79
C LYS C 164 34.50 -14.04 -38.83
N ALA C 165 34.33 -15.36 -38.97
CA ALA C 165 33.52 -16.17 -38.05
C ALA C 165 34.09 -16.19 -36.61
N ARG C 166 35.42 -16.30 -36.49
CA ARG C 166 36.11 -16.10 -35.19
C ARG C 166 35.85 -14.71 -34.66
N GLU C 167 36.01 -13.73 -35.54
CA GLU C 167 35.87 -12.30 -35.24
C GLU C 167 34.43 -11.96 -34.81
N THR C 168 33.43 -12.47 -35.52
CA THR C 168 32.03 -12.25 -35.13
C THR C 168 31.75 -12.79 -33.73
N LEU C 169 32.11 -14.06 -33.52
CA LEU C 169 31.91 -14.76 -32.25
C LEU C 169 32.66 -14.09 -31.09
N GLU C 170 33.88 -13.65 -31.35
CA GLU C 170 34.70 -12.98 -30.35
C GLU C 170 34.13 -11.62 -29.89
N VAL C 171 33.65 -10.82 -30.83
CA VAL C 171 33.18 -9.44 -30.53
C VAL C 171 31.77 -9.13 -31.02
N ILE C 172 31.39 -9.60 -32.21
CA ILE C 172 30.08 -9.28 -32.80
C ILE C 172 28.92 -9.89 -32.02
N ALA C 173 29.10 -11.12 -31.55
CA ALA C 173 28.09 -11.79 -30.70
C ALA C 173 27.97 -11.20 -29.29
N PRO C 174 29.10 -10.93 -28.61
CA PRO C 174 28.94 -10.22 -27.32
C PRO C 174 28.45 -8.78 -27.47
N LEU C 175 28.89 -8.07 -28.51
CA LEU C 175 28.39 -6.73 -28.82
C LEU C 175 26.88 -6.72 -29.05
N ALA C 176 26.39 -7.64 -29.89
CA ALA C 176 24.95 -7.76 -30.18
C ALA C 176 24.14 -8.13 -28.95
N HIS C 177 24.71 -8.97 -28.08
CA HIS C 177 24.10 -9.25 -26.77
C HIS C 177 23.94 -7.96 -25.96
N ARG C 178 24.95 -7.09 -26.01
CA ARG C 178 24.79 -5.72 -25.55
C ARG C 178 23.77 -5.07 -26.48
N LEU C 179 23.03 -4.08 -25.99
CA LEU C 179 21.89 -3.50 -26.70
C LEU C 179 20.68 -4.45 -26.90
N GLY C 180 20.70 -5.64 -26.28
CA GLY C 180 19.56 -6.56 -26.31
C GLY C 180 19.17 -7.13 -27.67
N MET C 181 20.16 -7.54 -28.46
CA MET C 181 19.93 -8.08 -29.82
C MET C 181 20.12 -9.61 -29.87
N ALA C 182 19.38 -10.30 -29.01
CA ALA C 182 19.47 -11.77 -28.87
C ALA C 182 19.13 -12.51 -30.17
N SER C 183 17.97 -12.17 -30.76
CA SER C 183 17.53 -12.76 -32.04
C SER C 183 18.61 -12.64 -33.11
N VAL C 184 19.18 -11.43 -33.21
CA VAL C 184 20.32 -11.16 -34.07
C VAL C 184 21.53 -12.03 -33.70
N LYS C 185 21.85 -12.07 -32.40
CA LYS C 185 23.01 -12.82 -31.89
C LYS C 185 22.91 -14.33 -32.13
N TRP C 186 21.76 -14.92 -31.81
CA TRP C 186 21.52 -16.36 -31.98
C TRP C 186 21.98 -16.82 -33.37
N GLU C 187 21.50 -16.12 -34.40
CA GLU C 187 21.90 -16.35 -35.80
C GLU C 187 23.41 -16.24 -36.02
N LEU C 188 24.00 -15.15 -35.54
CA LEU C 188 25.44 -14.90 -35.68
C LEU C 188 26.29 -15.99 -35.02
N GLU C 189 25.86 -16.43 -33.83
CA GLU C 189 26.55 -17.48 -33.08
C GLU C 189 26.55 -18.84 -33.79
N ASP C 190 25.35 -19.28 -34.19
CA ASP C 190 25.16 -20.59 -34.83
C ASP C 190 25.91 -20.71 -36.15
N LEU C 191 25.78 -19.68 -37.00
CA LEU C 191 26.48 -19.63 -38.29
C LEU C 191 27.99 -19.64 -38.12
N SER C 192 28.48 -18.83 -37.18
CA SER C 192 29.91 -18.80 -36.84
C SER C 192 30.38 -20.13 -36.24
N PHE C 193 29.57 -20.73 -35.38
CA PHE C 193 29.90 -22.03 -34.76
C PHE C 193 29.96 -23.18 -35.76
N ALA C 194 29.05 -23.17 -36.74
CA ALA C 194 29.04 -24.18 -37.80
C ALA C 194 30.33 -24.18 -38.61
N ILE C 195 30.75 -23.00 -39.05
CA ILE C 195 31.95 -22.83 -39.88
C ILE C 195 33.24 -23.11 -39.09
N LEU C 196 33.31 -22.62 -37.86
CA LEU C 196 34.55 -22.66 -37.06
C LEU C 196 34.91 -24.07 -36.62
N HIS C 197 33.95 -24.77 -36.03
CA HIS C 197 34.10 -26.18 -35.67
C HIS C 197 33.19 -27.05 -36.54
N PRO C 198 33.73 -27.65 -37.61
CA PRO C 198 33.00 -28.67 -38.34
C PRO C 198 33.23 -30.03 -37.68
N LYS C 199 32.17 -30.82 -37.59
CA LYS C 199 32.16 -32.11 -36.88
C LYS C 199 31.97 -31.98 -35.34
N LYS C 200 31.91 -30.75 -34.83
CA LYS C 200 31.35 -30.47 -33.49
C LYS C 200 29.87 -30.07 -33.61
N TYR C 201 29.55 -29.25 -34.61
CA TYR C 201 28.17 -28.90 -34.95
C TYR C 201 27.37 -30.10 -35.46
N GLU C 202 28.02 -30.91 -36.30
CA GLU C 202 27.44 -32.15 -36.82
C GLU C 202 26.95 -33.06 -35.70
N GLU C 203 27.82 -33.28 -34.71
CA GLU C 203 27.52 -34.08 -33.51
C GLU C 203 26.30 -33.56 -32.76
N ILE C 204 26.24 -32.24 -32.55
CA ILE C 204 25.11 -31.60 -31.86
C ILE C 204 23.85 -31.73 -32.71
N VAL C 205 23.96 -31.42 -34.00
CA VAL C 205 22.88 -31.64 -34.98
C VAL C 205 22.41 -33.10 -34.96
N ARG C 206 23.37 -34.03 -34.90
CA ARG C 206 23.09 -35.47 -34.87
C ARG C 206 22.38 -35.86 -33.58
N LEU C 207 23.01 -35.57 -32.44
CA LEU C 207 22.40 -35.79 -31.11
C LEU C 207 20.99 -35.19 -30.99
N VAL C 208 20.82 -33.98 -31.52
CA VAL C 208 19.50 -33.33 -31.58
C VAL C 208 18.51 -34.17 -32.40
N ALA C 209 18.94 -34.59 -33.60
CA ALA C 209 18.08 -35.35 -34.52
C ALA C 209 17.63 -36.72 -33.98
N GLY C 210 18.48 -37.37 -33.19
CA GLY C 210 18.24 -38.73 -32.69
C GLY C 210 16.95 -38.90 -31.89
N ARG C 211 16.89 -38.20 -30.75
CA ARG C 211 15.72 -38.26 -29.86
C ARG C 211 14.63 -37.23 -30.17
N ALA C 212 14.75 -36.54 -31.31
CA ALA C 212 13.75 -35.55 -31.75
C ALA C 212 12.28 -36.00 -31.73
N PRO C 213 11.95 -37.19 -32.29
CA PRO C 213 10.54 -37.63 -32.28
C PRO C 213 9.95 -37.88 -30.89
N SER C 214 10.71 -38.50 -29.99
CA SER C 214 10.29 -38.67 -28.60
C SER C 214 10.20 -37.34 -27.87
N ARG C 215 11.14 -36.44 -28.15
CA ARG C 215 11.22 -35.14 -27.49
C ARG C 215 10.16 -34.13 -27.97
N ASP C 216 9.85 -34.13 -29.27
CA ASP C 216 8.84 -33.21 -29.82
C ASP C 216 7.38 -33.60 -29.51
N THR C 217 7.12 -34.89 -29.36
CA THR C 217 5.81 -35.40 -28.91
C THR C 217 5.53 -35.02 -27.45
N TYR C 218 6.56 -35.15 -26.62
CA TYR C 218 6.55 -34.81 -25.18
C TYR C 218 6.13 -33.34 -24.94
N LEU C 219 6.71 -32.44 -25.72
CA LEU C 219 6.35 -31.02 -25.73
C LEU C 219 4.89 -30.78 -26.18
N ALA C 220 4.49 -31.47 -27.25
CA ALA C 220 3.12 -31.35 -27.81
C ALA C 220 2.01 -31.67 -26.80
N LYS C 221 2.30 -32.53 -25.82
CA LYS C 221 1.41 -32.78 -24.69
C LYS C 221 1.37 -31.57 -23.75
N VAL C 222 2.55 -31.09 -23.37
CA VAL C 222 2.68 -29.94 -22.44
C VAL C 222 1.92 -28.73 -22.99
N ARG C 223 2.21 -28.40 -24.25
CA ARG C 223 1.50 -27.35 -25.00
C ARG C 223 -0.02 -27.50 -24.87
N ALA C 224 -0.52 -28.71 -25.12
CA ALA C 224 -1.95 -29.03 -25.03
C ALA C 224 -2.49 -28.88 -23.61
N GLU C 225 -1.80 -29.48 -22.64
CA GLU C 225 -2.19 -29.37 -21.22
C GLU C 225 -2.22 -27.91 -20.75
N ILE C 226 -1.19 -27.14 -21.12
CA ILE C 226 -1.12 -25.72 -20.79
C ILE C 226 -2.26 -24.94 -21.46
N VAL C 227 -2.43 -25.10 -22.77
CA VAL C 227 -3.38 -24.28 -23.55
C VAL C 227 -4.86 -24.52 -23.19
N ASN C 228 -5.21 -25.70 -22.69
CA ASN C 228 -6.60 -26.01 -22.30
C ASN C 228 -7.08 -25.22 -21.07
N THR C 229 -6.29 -25.26 -20.00
CA THR C 229 -6.62 -24.54 -18.76
C THR C 229 -6.60 -23.02 -18.96
N LEU C 230 -5.67 -22.56 -19.80
CA LEU C 230 -5.60 -21.17 -20.25
C LEU C 230 -6.93 -20.67 -20.82
N THR C 231 -7.50 -21.44 -21.74
CA THR C 231 -8.82 -21.14 -22.32
C THR C 231 -9.93 -21.26 -21.29
N ALA C 232 -9.83 -22.24 -20.40
CA ALA C 232 -10.74 -22.35 -19.25
C ALA C 232 -10.63 -21.15 -18.31
N SER C 233 -9.39 -20.70 -18.08
CA SER C 233 -9.12 -19.50 -17.28
C SER C 233 -9.40 -18.19 -18.03
N LYS C 234 -9.46 -18.28 -19.36
CA LYS C 234 -9.84 -17.17 -20.25
C LYS C 234 -8.77 -16.07 -20.23
N ILE C 235 -7.53 -16.48 -20.52
CA ILE C 235 -6.40 -15.56 -20.66
C ILE C 235 -5.88 -15.70 -22.09
N LYS C 236 -5.78 -14.58 -22.80
CA LYS C 236 -5.26 -14.57 -24.17
C LYS C 236 -3.74 -14.72 -24.14
N ALA C 237 -3.22 -15.79 -24.73
CA ALA C 237 -1.78 -16.04 -24.77
C ALA C 237 -1.36 -16.99 -25.89
N THR C 238 -0.13 -16.79 -26.37
CA THR C 238 0.50 -17.66 -27.38
C THR C 238 1.52 -18.56 -26.69
N VAL C 239 1.58 -19.82 -27.11
CA VAL C 239 2.35 -20.86 -26.40
C VAL C 239 3.36 -21.57 -27.30
N GLU C 240 4.21 -20.79 -27.96
CA GLU C 240 5.24 -21.32 -28.87
C GLU C 240 6.28 -22.17 -28.15
N GLY C 241 6.88 -23.10 -28.90
CA GLY C 241 8.03 -23.86 -28.42
C GLY C 241 9.30 -23.03 -28.52
N ARG C 242 10.26 -23.30 -27.66
CA ARG C 242 11.51 -22.54 -27.63
C ARG C 242 12.42 -22.96 -28.79
N PRO C 243 12.84 -21.98 -29.64
CA PRO C 243 13.74 -22.29 -30.75
C PRO C 243 15.14 -22.62 -30.24
N LYS C 244 15.66 -23.79 -30.61
CA LYS C 244 16.92 -24.31 -30.07
C LYS C 244 18.14 -23.77 -30.81
N HIS C 245 19.24 -23.64 -30.08
CA HIS C 245 20.49 -23.05 -30.59
C HIS C 245 21.67 -23.93 -30.21
N TYR C 246 22.58 -24.12 -31.15
CA TYR C 246 23.58 -25.20 -31.08
C TYR C 246 24.85 -24.79 -30.32
N TRP C 247 25.26 -23.53 -30.45
CA TRP C 247 26.39 -22.99 -29.64
C TRP C 247 26.05 -22.98 -28.16
N SER C 248 24.79 -22.66 -27.83
CA SER C 248 24.29 -22.79 -26.46
C SER C 248 24.48 -24.23 -25.99
N ILE C 249 23.96 -25.18 -26.77
CA ILE C 249 24.05 -26.62 -26.47
C ILE C 249 25.50 -27.09 -26.29
N TYR C 250 26.42 -26.55 -27.11
CA TYR C 250 27.86 -26.87 -27.06
C TYR C 250 28.51 -26.51 -25.71
N GLN C 251 28.30 -25.27 -25.28
CA GLN C 251 28.86 -24.78 -24.00
C GLN C 251 28.20 -25.43 -22.79
N LYS C 252 26.86 -25.46 -22.80
CA LYS C 252 26.06 -26.22 -21.83
C LYS C 252 26.60 -27.64 -21.67
N MET C 253 26.91 -28.26 -22.80
CA MET C 253 27.56 -29.58 -22.81
C MET C 253 28.99 -29.54 -22.26
N ILE C 254 29.77 -28.52 -22.62
CA ILE C 254 31.16 -28.37 -22.16
C ILE C 254 31.28 -28.20 -20.64
N VAL C 255 30.47 -27.30 -20.06
CA VAL C 255 30.51 -27.07 -18.61
C VAL C 255 30.06 -28.32 -17.83
N LYS C 256 29.10 -29.05 -18.39
CA LYS C 256 28.66 -30.35 -17.86
C LYS C 256 29.53 -31.46 -18.44
N GLY C 257 29.27 -32.70 -18.04
CA GLY C 257 30.02 -33.86 -18.56
C GLY C 257 29.56 -34.26 -19.95
N ARG C 258 30.33 -35.14 -20.59
CA ARG C 258 29.96 -35.71 -21.91
C ARG C 258 28.59 -36.36 -21.87
N ASP C 259 28.37 -37.21 -20.86
CA ASP C 259 27.04 -37.70 -20.54
C ASP C 259 26.16 -36.56 -20.03
N PHE C 260 24.99 -36.39 -20.65
CA PHE C 260 24.02 -35.34 -20.29
C PHE C 260 22.59 -35.72 -20.68
N ASP C 261 21.61 -35.09 -20.03
CA ASP C 261 20.19 -35.37 -20.28
C ASP C 261 19.66 -34.60 -21.49
N ASP C 262 20.05 -35.08 -22.67
CA ASP C 262 19.59 -34.53 -23.95
C ASP C 262 18.06 -34.57 -24.09
N ILE C 263 17.43 -35.60 -23.48
CA ILE C 263 15.98 -35.78 -23.52
C ILE C 263 15.23 -34.55 -22.95
N HIS C 264 15.77 -33.95 -21.89
CA HIS C 264 15.13 -32.80 -21.23
C HIS C 264 15.94 -31.50 -21.16
N ASP C 265 17.16 -31.51 -21.73
CA ASP C 265 17.92 -30.27 -21.93
C ASP C 265 17.32 -29.41 -23.05
N LEU C 266 16.70 -30.06 -24.05
CA LEU C 266 16.18 -29.38 -25.23
C LEU C 266 14.65 -29.45 -25.30
N VAL C 267 14.01 -29.07 -24.19
CA VAL C 267 12.54 -29.20 -24.01
C VAL C 267 11.80 -27.85 -23.87
N GLY C 268 12.53 -26.74 -23.77
CA GLY C 268 12.00 -25.44 -23.34
C GLY C 268 10.73 -24.90 -23.98
N VAL C 269 9.96 -24.15 -23.19
CA VAL C 269 8.67 -23.57 -23.60
C VAL C 269 8.76 -22.04 -23.57
N ARG C 270 7.88 -21.38 -24.33
CA ARG C 270 7.74 -19.92 -24.30
C ARG C 270 6.26 -19.54 -24.22
N ILE C 271 5.96 -18.49 -23.45
CA ILE C 271 4.59 -17.99 -23.26
C ILE C 271 4.57 -16.48 -23.50
N LEU C 272 3.56 -16.03 -24.27
CA LEU C 272 3.42 -14.63 -24.68
C LEU C 272 2.04 -14.10 -24.34
N CYS C 273 1.98 -13.03 -23.57
CA CYS C 273 0.72 -12.52 -23.01
C CYS C 273 0.62 -11.00 -23.10
N ASP C 274 -0.57 -10.50 -23.40
CA ASP C 274 -0.77 -9.06 -23.74
C ASP C 274 -0.38 -8.11 -22.59
N GLU C 275 -1.08 -8.20 -21.47
CA GLU C 275 -0.80 -7.32 -20.32
C GLU C 275 0.27 -7.92 -19.41
N ILE C 276 0.92 -7.06 -18.62
CA ILE C 276 1.81 -7.48 -17.51
C ILE C 276 1.07 -8.31 -16.45
N ARG C 277 -0.20 -7.98 -16.23
CA ARG C 277 -1.12 -8.74 -15.38
C ARG C 277 -1.13 -10.21 -15.81
N ASP C 278 -1.38 -10.43 -17.10
CA ASP C 278 -1.55 -11.77 -17.68
C ASP C 278 -0.32 -12.66 -17.54
N CYS C 279 0.87 -12.06 -17.57
CA CYS C 279 2.13 -12.79 -17.35
C CYS C 279 2.17 -13.48 -15.98
N TYR C 280 1.72 -12.77 -14.94
CA TYR C 280 1.61 -13.35 -13.60
C TYR C 280 0.50 -14.42 -13.54
N ALA C 281 -0.59 -14.20 -14.28
CA ALA C 281 -1.66 -15.19 -14.41
C ALA C 281 -1.20 -16.50 -15.06
N ALA C 282 -0.28 -16.40 -16.02
CA ALA C 282 0.31 -17.59 -16.67
C ALA C 282 1.07 -18.46 -15.66
N VAL C 283 1.94 -17.82 -14.87
CA VAL C 283 2.67 -18.49 -13.78
C VAL C 283 1.70 -19.30 -12.90
N GLY C 284 0.50 -18.76 -12.69
CA GLY C 284 -0.61 -19.48 -12.04
C GLY C 284 -0.96 -20.82 -12.66
N VAL C 285 -1.37 -20.82 -13.93
CA VAL C 285 -1.78 -22.06 -14.61
C VAL C 285 -0.66 -23.10 -14.73
N VAL C 286 0.58 -22.63 -14.96
CA VAL C 286 1.75 -23.52 -15.02
C VAL C 286 1.86 -24.32 -13.71
N HIS C 287 1.84 -23.60 -12.59
CA HIS C 287 1.96 -24.21 -11.26
C HIS C 287 0.74 -25.05 -10.86
N SER C 288 -0.44 -24.69 -11.36
CA SER C 288 -1.63 -25.53 -11.23
C SER C 288 -1.37 -26.93 -11.79
N LEU C 289 -0.66 -27.00 -12.91
CA LEU C 289 -0.34 -28.26 -13.58
C LEU C 289 0.90 -28.99 -13.04
N TRP C 290 1.93 -28.25 -12.63
CA TRP C 290 3.21 -28.88 -12.21
C TRP C 290 3.84 -28.26 -10.95
N GLN C 291 4.56 -29.10 -10.20
CA GLN C 291 5.16 -28.70 -8.92
C GLN C 291 6.46 -27.91 -9.16
N PRO C 292 6.54 -26.65 -8.68
CA PRO C 292 7.71 -25.82 -8.97
C PRO C 292 8.98 -26.20 -8.21
N MET C 293 10.13 -25.85 -8.80
CA MET C 293 11.44 -26.02 -8.17
C MET C 293 11.82 -24.71 -7.48
N ALA C 294 12.31 -24.81 -6.24
CA ALA C 294 12.63 -23.63 -5.43
C ALA C 294 13.85 -22.88 -5.97
N GLY C 295 13.88 -21.56 -5.75
CA GLY C 295 15.10 -20.77 -5.97
C GLY C 295 15.38 -20.33 -7.39
N ARG C 296 15.35 -21.28 -8.32
CA ARG C 296 15.68 -21.03 -9.73
C ARG C 296 14.79 -19.99 -10.43
N PHE C 297 13.51 -19.94 -10.06
CA PHE C 297 12.58 -19.03 -10.73
C PHE C 297 12.96 -17.56 -10.52
N LYS C 298 12.75 -16.74 -11.54
CA LYS C 298 13.09 -15.30 -11.51
C LYS C 298 11.95 -14.40 -11.98
N ASP C 299 12.07 -13.11 -11.63
CA ASP C 299 11.07 -12.09 -11.96
C ASP C 299 11.79 -10.80 -12.38
N TYR C 300 12.24 -10.78 -13.65
CA TYR C 300 12.92 -9.61 -14.20
C TYR C 300 11.96 -8.45 -14.56
N ILE C 301 10.65 -8.71 -14.57
CA ILE C 301 9.65 -7.64 -14.58
C ILE C 301 9.74 -6.84 -13.28
N ALA C 302 9.87 -7.54 -12.15
CA ALA C 302 10.02 -6.92 -10.83
C ALA C 302 11.41 -6.33 -10.61
N GLN C 303 12.45 -7.05 -11.06
CA GLN C 303 13.85 -6.64 -10.85
C GLN C 303 14.67 -6.80 -12.14
N PRO C 304 14.54 -5.84 -13.08
CA PRO C 304 15.19 -5.97 -14.39
C PRO C 304 16.72 -5.95 -14.33
N ARG C 305 17.34 -7.00 -14.85
CA ARG C 305 18.79 -7.10 -14.92
C ARG C 305 19.25 -6.10 -15.95
N TYR C 306 20.34 -5.39 -15.65
CA TYR C 306 20.81 -4.35 -16.55
C TYR C 306 19.64 -3.38 -16.77
N GLY C 307 19.29 -3.10 -18.03
CA GLY C 307 18.16 -2.22 -18.32
C GLY C 307 17.14 -2.81 -19.29
N VAL C 308 15.89 -2.90 -18.83
CA VAL C 308 14.77 -3.28 -19.70
C VAL C 308 14.79 -4.73 -20.19
N TYR C 309 15.16 -5.66 -19.30
CA TYR C 309 15.17 -7.11 -19.60
C TYR C 309 13.94 -7.82 -19.00
N GLN C 310 12.83 -7.10 -18.87
CA GLN C 310 11.68 -7.58 -18.10
C GLN C 310 11.07 -8.85 -18.70
N SER C 311 10.99 -9.89 -17.87
CA SER C 311 10.56 -11.24 -18.27
C SER C 311 10.51 -12.15 -17.04
N LEU C 312 9.75 -13.24 -17.15
CA LEU C 312 9.59 -14.21 -16.06
C LEU C 312 10.14 -15.57 -16.47
N HIS C 313 11.17 -16.04 -15.74
CA HIS C 313 11.77 -17.35 -15.98
C HIS C 313 11.37 -18.31 -14.85
N THR C 314 10.92 -19.50 -15.22
CA THR C 314 10.33 -20.47 -14.28
C THR C 314 10.71 -21.90 -14.69
N THR C 315 11.09 -22.72 -13.71
CA THR C 315 11.37 -24.15 -13.94
C THR C 315 10.56 -25.01 -12.97
N VAL C 316 9.91 -26.05 -13.49
CA VAL C 316 9.03 -26.93 -12.72
C VAL C 316 9.35 -28.40 -12.99
N VAL C 317 9.16 -29.26 -11.97
CA VAL C 317 9.27 -30.71 -12.14
C VAL C 317 8.08 -31.14 -12.99
N GLY C 318 8.36 -31.81 -14.10
CA GLY C 318 7.42 -31.96 -15.20
C GLY C 318 6.52 -33.18 -15.17
N PRO C 319 5.80 -33.42 -16.29
CA PRO C 319 4.84 -34.55 -16.38
C PRO C 319 5.50 -35.92 -16.23
N GLU C 320 6.65 -36.12 -16.88
CA GLU C 320 7.47 -37.32 -16.69
C GLU C 320 8.55 -37.17 -15.59
N GLY C 321 8.50 -36.08 -14.84
CA GLY C 321 9.45 -35.78 -13.77
C GLY C 321 10.72 -35.05 -14.21
N LYS C 322 10.68 -34.44 -15.38
CA LYS C 322 11.86 -33.82 -15.99
C LYS C 322 11.88 -32.31 -15.74
N PRO C 323 13.07 -31.74 -15.48
CA PRO C 323 13.16 -30.27 -15.44
C PRO C 323 12.85 -29.62 -16.80
N LEU C 324 11.96 -28.63 -16.77
CA LEU C 324 11.57 -27.86 -17.95
C LEU C 324 11.76 -26.38 -17.66
N GLU C 325 12.03 -25.58 -18.69
CA GLU C 325 12.20 -24.13 -18.53
C GLU C 325 11.13 -23.34 -19.29
N VAL C 326 10.25 -22.68 -18.53
CA VAL C 326 9.21 -21.82 -19.07
C VAL C 326 9.72 -20.38 -19.05
N GLN C 327 9.31 -19.57 -20.03
CA GLN C 327 9.78 -18.20 -20.19
C GLN C 327 8.65 -17.25 -20.60
N ILE C 328 7.84 -16.87 -19.61
CA ILE C 328 6.67 -16.00 -19.83
C ILE C 328 7.15 -14.55 -19.97
N ARG C 329 6.63 -13.85 -20.98
CA ARG C 329 6.91 -12.42 -21.17
C ARG C 329 5.97 -11.79 -22.22
N THR C 330 5.76 -10.48 -22.11
CA THR C 330 4.78 -9.78 -22.97
C THR C 330 5.26 -9.64 -24.41
N ARG C 331 4.32 -9.31 -25.29
CA ARG C 331 4.60 -8.99 -26.69
C ARG C 331 5.52 -7.77 -26.81
N ASP C 332 5.21 -6.73 -26.03
CA ASP C 332 6.06 -5.53 -25.93
C ASP C 332 7.44 -5.86 -25.34
N MET C 333 7.49 -6.75 -24.36
CA MET C 333 8.77 -7.26 -23.83
C MET C 333 9.51 -8.14 -24.84
N HIS C 334 8.77 -8.89 -25.66
CA HIS C 334 9.35 -9.67 -26.77
C HIS C 334 10.06 -8.75 -27.75
N ARG C 335 9.37 -7.67 -28.12
CA ARG C 335 9.93 -6.64 -29.00
C ARG C 335 11.31 -6.18 -28.54
N THR C 336 11.47 -5.87 -27.25
CA THR C 336 12.77 -5.51 -26.67
C THR C 336 13.73 -6.70 -26.64
N ALA C 337 13.21 -7.86 -26.21
CA ALA C 337 14.02 -9.05 -25.93
C ALA C 337 14.62 -9.66 -27.20
N GLU C 338 13.79 -9.86 -28.22
CA GLU C 338 14.27 -10.43 -29.49
C GLU C 338 15.03 -9.41 -30.30
N TYR C 339 14.47 -8.21 -30.40
CA TYR C 339 15.10 -7.10 -31.10
C TYR C 339 15.40 -6.04 -30.07
N GLY C 340 16.62 -5.53 -30.07
CA GLY C 340 17.05 -4.56 -29.08
C GLY C 340 17.17 -3.14 -29.58
N ILE C 341 16.57 -2.21 -28.85
CA ILE C 341 16.73 -0.79 -29.09
C ILE C 341 18.12 -0.48 -28.59
N ALA C 342 18.69 0.65 -29.01
CA ALA C 342 20.01 1.04 -28.54
C ALA C 342 20.08 1.06 -27.02
N ALA C 343 21.12 0.44 -26.46
CA ALA C 343 21.32 0.41 -25.00
C ALA C 343 21.61 1.80 -24.48
N HIS C 344 21.13 2.11 -23.28
CA HIS C 344 21.34 3.42 -22.67
C HIS C 344 22.44 3.35 -21.64
N TRP C 345 22.25 2.48 -20.65
CA TRP C 345 23.21 2.27 -19.60
C TRP C 345 23.70 0.83 -19.65
N ARG C 346 24.96 0.66 -20.00
CA ARG C 346 25.58 -0.65 -20.07
C ARG C 346 27.06 -0.45 -19.90
N TYR C 347 27.76 -1.50 -19.46
CA TYR C 347 29.20 -1.39 -19.23
C TYR C 347 29.94 -2.41 -20.09
N LYS C 348 30.82 -1.91 -20.96
CA LYS C 348 31.64 -2.77 -21.81
C LYS C 348 32.95 -3.12 -21.10
N GLU C 349 33.31 -4.40 -21.12
CA GLU C 349 34.52 -4.92 -20.47
C GLU C 349 34.55 -4.67 -18.96
N ALA C 363 31.55 8.99 -28.83
CA ALA C 363 30.18 8.58 -28.59
C ALA C 363 30.11 7.12 -28.14
N GLU C 364 28.91 6.54 -28.15
CA GLU C 364 28.75 5.11 -27.91
C GLU C 364 29.66 4.32 -28.84
N ILE C 365 29.90 4.89 -30.02
CA ILE C 365 30.82 4.32 -30.97
C ILE C 365 32.18 4.37 -30.31
N ASP C 366 32.48 5.51 -29.68
CA ASP C 366 33.73 5.66 -28.92
C ASP C 366 33.87 4.58 -27.85
N ASP C 367 32.81 4.33 -27.08
CA ASP C 367 32.82 3.28 -26.05
C ASP C 367 33.04 1.89 -26.64
N MET C 368 32.41 1.60 -27.76
CA MET C 368 32.59 0.33 -28.45
C MET C 368 34.04 0.19 -28.89
N ALA C 369 34.58 1.29 -29.42
CA ALA C 369 35.98 1.33 -29.84
C ALA C 369 36.89 1.06 -28.63
N TRP C 370 36.52 1.64 -27.49
CA TRP C 370 37.24 1.41 -26.25
C TRP C 370 37.30 -0.07 -25.90
N MET C 371 36.14 -0.75 -25.94
CA MET C 371 36.10 -2.19 -25.65
C MET C 371 36.87 -2.98 -26.70
N ARG C 372 36.80 -2.56 -27.96
CA ARG C 372 37.53 -3.20 -29.05
C ARG C 372 39.04 -3.09 -28.86
N GLN C 373 39.47 -1.96 -28.31
CA GLN C 373 40.88 -1.71 -28.01
C GLN C 373 41.57 -2.90 -27.38
N VAL D 11 16.29 30.29 7.17
CA VAL D 11 17.31 29.24 6.82
C VAL D 11 16.72 28.18 5.90
N LEU D 12 15.68 27.50 6.38
CA LEU D 12 14.98 26.47 5.59
C LEU D 12 14.14 27.09 4.47
N GLU D 13 13.50 28.23 4.76
CA GLU D 13 12.70 28.97 3.78
C GLU D 13 13.47 29.47 2.53
N PRO D 14 14.65 30.10 2.72
CA PRO D 14 15.39 30.57 1.55
C PRO D 14 15.84 29.45 0.61
N LEU D 15 16.38 28.36 1.16
CA LEU D 15 16.81 27.23 0.33
C LEU D 15 15.64 26.60 -0.43
N VAL D 16 14.49 26.47 0.22
CA VAL D 16 13.28 25.96 -0.47
C VAL D 16 12.77 26.99 -1.47
N ALA D 17 12.85 28.28 -1.12
CA ALA D 17 12.50 29.37 -2.04
C ALA D 17 13.37 29.36 -3.30
N VAL D 18 14.69 29.18 -3.12
CA VAL D 18 15.65 29.08 -4.23
C VAL D 18 15.33 27.89 -5.17
N HIS D 19 14.61 26.88 -4.66
CA HIS D 19 14.11 25.75 -5.45
C HIS D 19 12.79 26.06 -6.19
N ARG D 20 11.82 26.63 -5.49
CA ARG D 20 10.44 26.80 -6.00
C ARG D 20 10.33 27.70 -7.25
N GLU D 21 11.13 28.76 -7.31
CA GLU D 21 11.15 29.69 -8.46
C GLU D 21 11.45 29.02 -9.80
N ILE D 22 12.25 27.95 -9.76
CA ILE D 22 12.62 27.21 -10.97
C ILE D 22 11.39 26.52 -11.56
N TYR D 23 10.67 25.78 -10.71
CA TYR D 23 9.55 24.95 -11.15
C TYR D 23 8.43 24.91 -10.08
N PRO D 24 7.20 25.30 -10.44
CA PRO D 24 6.09 25.06 -9.51
C PRO D 24 5.80 23.56 -9.41
N LYS D 25 6.32 22.94 -8.35
CA LYS D 25 6.30 21.47 -8.19
C LYS D 25 5.34 21.01 -7.11
N ALA D 26 4.91 19.75 -7.23
CA ALA D 26 4.02 19.10 -6.26
C ALA D 26 4.80 18.31 -5.23
N ASP D 27 4.10 17.90 -4.18
CA ASP D 27 4.67 17.07 -3.10
C ASP D 27 5.82 17.78 -2.37
N LEU D 28 5.53 18.99 -1.85
CA LEU D 28 6.46 19.73 -0.97
C LEU D 28 6.68 19.00 0.36
N SER D 29 5.70 18.21 0.77
CA SER D 29 5.76 17.47 2.05
C SER D 29 6.87 16.41 2.16
N ILE D 30 7.57 16.10 1.06
CA ILE D 30 8.78 15.24 1.12
C ILE D 30 10.04 15.99 1.59
N LEU D 31 10.24 17.22 1.13
CA LEU D 31 11.44 18.00 1.49
C LEU D 31 11.39 18.57 2.91
N GLN D 32 10.18 18.82 3.41
CA GLN D 32 9.96 19.13 4.84
C GLN D 32 10.30 17.90 5.68
N ARG D 33 9.78 16.74 5.26
CA ARG D 33 10.09 15.44 5.88
C ARG D 33 11.58 15.12 5.85
N ALA D 34 12.23 15.44 4.72
CA ALA D 34 13.65 15.22 4.53
C ALA D 34 14.50 15.94 5.56
N TYR D 35 14.30 17.26 5.67
CA TYR D 35 15.04 18.08 6.63
C TYR D 35 14.68 17.73 8.08
N GLU D 36 13.38 17.62 8.37
CA GLU D 36 12.90 17.30 9.72
C GLU D 36 13.56 16.02 10.24
N VAL D 37 13.44 14.95 9.47
CA VAL D 37 14.04 13.66 9.82
C VAL D 37 15.57 13.79 9.96
N ALA D 38 16.19 14.55 9.06
CA ALA D 38 17.65 14.80 9.14
C ALA D 38 18.07 15.59 10.39
N ASP D 39 17.27 16.61 10.73
CA ASP D 39 17.53 17.45 11.92
C ASP D 39 17.47 16.61 13.20
N GLN D 40 16.44 15.78 13.31
CA GLN D 40 16.30 14.84 14.44
C GLN D 40 17.37 13.74 14.43
N ARG D 41 17.71 13.25 13.24
CA ARG D 41 18.74 12.20 13.08
C ARG D 41 20.12 12.69 13.54
N PRO D 52 30.46 20.85 14.30
CA PRO D 52 29.75 21.73 15.21
C PRO D 52 28.24 21.85 14.98
N TYR D 53 27.76 21.48 13.79
CA TYR D 53 26.37 21.72 13.38
C TYR D 53 25.87 20.71 12.35
N ILE D 54 24.55 20.71 12.14
CA ILE D 54 23.88 19.84 11.16
C ILE D 54 23.61 20.54 9.81
N THR D 55 24.28 21.68 9.57
CA THR D 55 23.98 22.52 8.40
C THR D 55 24.57 22.02 7.07
N HIS D 56 25.61 21.19 7.12
CA HIS D 56 26.28 20.75 5.89
C HIS D 56 25.30 20.20 4.83
N PRO D 57 24.41 19.25 5.23
CA PRO D 57 23.42 18.73 4.27
C PRO D 57 22.53 19.81 3.62
N LEU D 58 22.00 20.72 4.44
CA LEU D 58 21.14 21.80 3.92
C LEU D 58 21.93 22.84 3.13
N ALA D 59 23.12 23.19 3.64
CA ALA D 59 24.04 24.09 2.93
C ALA D 59 24.39 23.54 1.55
N VAL D 60 24.69 22.25 1.48
CA VAL D 60 24.84 21.54 0.20
C VAL D 60 23.53 21.62 -0.59
N ALA D 61 22.44 21.15 0.03
CA ALA D 61 21.11 21.18 -0.60
C ALA D 61 20.74 22.53 -1.22
N ASN D 62 21.26 23.62 -0.66
CA ASN D 62 21.10 24.95 -1.24
C ASN D 62 21.90 25.15 -2.53
N ILE D 63 23.23 24.90 -2.49
CA ILE D 63 24.07 25.00 -3.71
C ILE D 63 23.69 24.01 -4.82
N LEU D 64 23.06 22.89 -4.46
CA LEU D 64 22.42 22.02 -5.45
C LEU D 64 21.15 22.66 -6.01
N ALA D 65 20.33 23.23 -5.12
CA ALA D 65 19.12 23.98 -5.51
C ALA D 65 19.44 25.19 -6.41
N GLU D 66 20.57 25.85 -6.13
CA GLU D 66 21.09 26.93 -6.98
C GLU D 66 21.42 26.44 -8.39
N LEU D 67 22.01 25.24 -8.49
CA LEU D 67 22.22 24.59 -9.80
C LEU D 67 20.88 24.23 -10.43
N GLY D 68 19.98 23.69 -9.61
CA GLY D 68 18.61 23.35 -10.03
C GLY D 68 18.40 21.89 -10.31
N MET D 69 18.84 21.03 -9.39
CA MET D 69 18.63 19.57 -9.49
C MET D 69 17.26 19.19 -8.96
N ASP D 70 16.91 17.91 -9.11
CA ASP D 70 15.59 17.39 -8.70
C ASP D 70 15.32 17.50 -7.20
N THR D 71 14.03 17.61 -6.87
CA THR D 71 13.60 17.65 -5.47
C THR D 71 13.94 16.35 -4.72
N THR D 72 14.04 15.24 -5.45
CA THR D 72 14.58 13.98 -4.92
C THR D 72 16.05 14.12 -4.54
N THR D 73 16.84 14.76 -5.39
CA THR D 73 18.25 15.05 -5.06
C THR D 73 18.35 15.92 -3.80
N LEU D 74 17.53 16.98 -3.75
CA LEU D 74 17.44 17.83 -2.56
C LEU D 74 17.16 17.02 -1.30
N VAL D 75 16.17 16.12 -1.39
CA VAL D 75 15.84 15.20 -0.30
C VAL D 75 17.04 14.31 0.02
N ALA D 76 17.54 13.62 -1.00
CA ALA D 76 18.69 12.70 -0.86
C ALA D 76 19.91 13.36 -0.24
N LEU D 78 20.03 16.06 1.71
CA LEU D 78 19.78 16.35 3.13
C LEU D 78 20.04 15.16 4.05
N LEU D 79 19.79 13.95 3.55
CA LEU D 79 19.89 12.72 4.35
C LEU D 79 21.06 11.81 3.93
N HIS D 80 22.04 12.37 3.22
CA HIS D 80 23.14 11.57 2.63
C HIS D 80 24.22 11.17 3.64
N ASP D 81 24.56 12.05 4.58
CA ASP D 81 25.58 11.76 5.61
C ASP D 81 25.04 11.02 6.85
N THR D 82 23.76 10.66 6.86
CA THR D 82 23.12 10.12 8.07
C THR D 82 23.59 8.71 8.47
N VAL D 83 23.73 7.79 7.52
CA VAL D 83 23.95 6.35 7.80
C VAL D 83 25.31 6.08 8.45
N GLU D 84 26.34 6.83 8.06
CA GLU D 84 27.68 6.70 8.66
C GLU D 84 27.74 7.28 10.08
N ASP D 85 27.16 8.47 10.26
CA ASP D 85 27.16 9.15 11.55
C ASP D 85 26.15 8.52 12.53
N THR D 86 24.90 8.37 12.10
CA THR D 86 23.83 7.83 12.97
C THR D 86 23.85 6.30 13.04
N GLY D 87 22.97 5.75 13.89
CA GLY D 87 22.79 4.32 14.03
C GLY D 87 21.91 3.70 12.95
N TYR D 88 20.82 4.40 12.60
CA TYR D 88 19.89 3.95 11.54
C TYR D 88 20.55 3.72 10.18
N THR D 89 19.90 2.90 9.35
CA THR D 89 20.48 2.36 8.12
C THR D 89 19.62 2.60 6.87
N LEU D 90 20.21 2.31 5.70
CA LEU D 90 19.57 2.50 4.39
C LEU D 90 18.22 1.80 4.23
N GLU D 91 18.13 0.58 4.79
CA GLU D 91 16.89 -0.21 4.77
C GLU D 91 15.72 0.54 5.40
N ALA D 92 15.99 1.25 6.49
CA ALA D 92 15.01 2.14 7.11
C ALA D 92 14.75 3.39 6.24
N LEU D 93 15.83 3.99 5.73
CA LEU D 93 15.75 5.19 4.89
C LEU D 93 14.88 5.02 3.64
N THR D 94 15.21 4.00 2.85
CA THR D 94 14.54 3.75 1.57
C THR D 94 13.03 3.56 1.72
N GLU D 95 12.62 2.84 2.76
CA GLU D 95 11.20 2.62 3.07
C GLU D 95 10.40 3.91 3.27
N GLU D 96 11.01 4.88 3.94
CA GLU D 96 10.35 6.16 4.25
C GLU D 96 10.14 7.04 3.01
N PHE D 97 11.17 7.13 2.16
CA PHE D 97 11.16 8.02 0.99
C PHE D 97 10.95 7.28 -0.32
N GLY D 98 11.79 6.28 -0.59
CA GLY D 98 11.67 5.46 -1.81
C GLY D 98 12.94 4.72 -2.20
N GLU D 99 12.86 4.01 -3.31
CA GLU D 99 14.00 3.30 -3.90
C GLU D 99 15.06 4.24 -4.49
N GLU D 100 14.62 5.34 -5.10
CA GLU D 100 15.52 6.32 -5.72
C GLU D 100 16.47 6.95 -4.69
N VAL D 101 15.90 7.41 -3.58
CA VAL D 101 16.67 7.96 -2.46
C VAL D 101 17.64 6.90 -1.92
N GLY D 102 17.20 5.65 -1.86
CA GLY D 102 18.05 4.51 -1.49
C GLY D 102 19.31 4.38 -2.32
N HIS D 103 19.15 4.34 -3.65
CA HIS D 103 20.27 4.21 -4.58
C HIS D 103 21.22 5.42 -4.52
N LEU D 104 20.65 6.62 -4.41
CA LEU D 104 21.41 7.87 -4.35
C LEU D 104 22.35 7.91 -3.13
N VAL D 105 21.75 7.91 -1.94
CA VAL D 105 22.49 8.02 -0.67
C VAL D 105 23.60 6.97 -0.56
N ASP D 106 23.30 5.75 -1.01
CA ASP D 106 24.29 4.67 -1.08
C ASP D 106 25.37 5.02 -2.11
N GLY D 107 24.93 5.32 -3.34
CA GLY D 107 25.82 5.70 -4.43
C GLY D 107 26.78 6.81 -4.09
N VAL D 108 26.27 7.86 -3.45
CA VAL D 108 27.09 8.98 -3.02
C VAL D 108 28.04 8.57 -1.88
N THR D 109 27.56 7.72 -0.97
CA THR D 109 28.40 7.18 0.11
C THR D 109 29.52 6.25 -0.40
N LYS D 110 29.22 5.44 -1.42
CA LYS D 110 30.21 4.52 -2.00
C LYS D 110 31.44 5.23 -2.57
N LEU D 111 31.22 6.38 -3.23
CA LEU D 111 32.32 7.21 -3.72
C LEU D 111 33.28 7.59 -2.60
N ASP D 112 34.55 7.22 -2.76
CA ASP D 112 35.60 7.53 -1.78
C ASP D 112 36.82 8.15 -2.48
N ARG D 113 37.80 8.58 -1.68
CA ARG D 113 38.99 9.27 -2.19
C ARG D 113 39.76 8.43 -3.21
N VAL D 114 40.14 9.05 -4.34
CA VAL D 114 40.74 8.34 -5.48
C VAL D 114 42.08 8.94 -5.91
N VAL D 115 43.14 8.14 -5.77
CA VAL D 115 44.50 8.57 -6.19
C VAL D 115 44.60 8.62 -7.72
N ARG D 137 23.13 12.09 -11.01
CA ARG D 137 22.63 12.39 -9.68
C ARG D 137 23.67 12.17 -8.59
N VAL D 138 24.23 10.97 -8.53
CA VAL D 138 25.28 10.60 -7.57
C VAL D 138 26.57 11.41 -7.81
N LEU D 139 26.93 11.62 -9.08
CA LEU D 139 28.14 12.35 -9.45
C LEU D 139 28.09 13.85 -9.13
N VAL D 140 26.94 14.48 -9.36
CA VAL D 140 26.76 15.92 -9.05
C VAL D 140 26.63 16.20 -7.54
N ILE D 141 25.97 15.29 -6.82
CA ILE D 141 25.77 15.46 -5.36
C ILE D 141 27.13 15.55 -4.67
N LYS D 142 28.04 14.65 -5.04
CA LYS D 142 29.39 14.61 -4.46
C LYS D 142 30.14 15.92 -4.70
N VAL D 143 30.15 16.42 -5.94
CA VAL D 143 30.89 17.67 -6.23
C VAL D 143 30.44 18.84 -5.36
N ALA D 144 29.14 18.91 -5.05
CA ALA D 144 28.62 19.91 -4.12
C ALA D 144 29.17 19.73 -2.69
N ASP D 145 28.96 18.54 -2.13
CA ASP D 145 29.49 18.15 -0.81
C ASP D 145 30.93 18.66 -0.62
N ARG D 146 31.78 18.31 -1.58
CA ARG D 146 33.20 18.66 -1.56
C ARG D 146 33.46 20.16 -1.73
N LEU D 147 32.70 20.79 -2.62
CA LEU D 147 32.80 22.25 -2.87
C LEU D 147 32.66 23.04 -1.57
N HIS D 148 31.63 22.72 -0.80
CA HIS D 148 31.40 23.35 0.50
C HIS D 148 32.58 23.07 1.44
N ASN D 149 32.87 21.80 1.69
CA ASN D 149 34.01 21.39 2.53
C ASN D 149 35.30 22.14 2.19
N MET D 150 35.57 22.31 0.89
CA MET D 150 36.70 23.12 0.44
C MET D 150 36.56 24.58 0.84
N ARG D 151 35.36 25.15 0.65
CA ARG D 151 35.09 26.54 1.05
C ARG D 151 35.21 26.76 2.57
N THR D 152 34.63 25.84 3.36
CA THR D 152 34.69 25.91 4.82
C THR D 152 35.76 24.97 5.38
N MET D 153 36.93 25.52 5.68
CA MET D 153 38.00 24.81 6.37
C MET D 153 38.39 25.58 7.63
N ARG D 154 37.45 25.63 8.56
CA ARG D 154 37.62 26.25 9.88
C ARG D 154 38.81 25.62 10.60
N PHE D 155 38.72 24.31 10.79
CA PHE D 155 39.82 23.53 11.34
C PHE D 155 40.79 23.17 10.22
N LEU D 156 42.09 23.22 10.53
CA LEU D 156 43.16 22.77 9.64
C LEU D 156 44.01 21.65 10.25
N PRO D 157 43.36 20.58 10.79
CA PRO D 157 44.11 19.35 11.03
C PRO D 157 44.74 18.78 9.76
N PRO D 158 45.96 18.25 9.90
CA PRO D 158 47.03 18.01 8.96
C PRO D 158 46.72 17.34 7.63
N GLU D 159 46.25 16.10 7.71
CA GLU D 159 46.31 15.19 6.59
C GLU D 159 45.19 15.48 5.62
N LYS D 160 44.01 15.70 6.19
CA LYS D 160 42.86 16.10 5.42
C LYS D 160 43.09 17.41 4.67
N GLN D 161 43.82 18.36 5.27
CA GLN D 161 43.94 19.73 4.72
C GLN D 161 44.72 19.81 3.41
N ALA D 162 46.01 19.45 3.47
CA ALA D 162 46.89 19.54 2.30
C ALA D 162 46.46 18.57 1.21
N ARG D 163 46.08 17.36 1.63
CA ARG D 163 45.71 16.29 0.70
C ARG D 163 44.34 16.49 0.04
N LYS D 164 43.36 17.05 0.76
CA LYS D 164 42.05 17.35 0.15
C LYS D 164 42.19 18.30 -1.04
N ALA D 165 43.00 19.35 -0.85
CA ALA D 165 43.35 20.27 -1.92
C ALA D 165 43.99 19.53 -3.10
N ARG D 166 45.00 18.71 -2.80
CA ARG D 166 45.67 17.86 -3.80
C ARG D 166 44.69 16.96 -4.54
N GLU D 167 43.85 16.25 -3.79
CA GLU D 167 42.83 15.37 -4.34
C GLU D 167 41.81 16.11 -5.21
N THR D 168 41.29 17.24 -4.72
CA THR D 168 40.31 18.02 -5.49
C THR D 168 40.86 18.37 -6.87
N LEU D 169 42.04 18.98 -6.87
CA LEU D 169 42.70 19.38 -8.11
C LEU D 169 42.87 18.19 -9.07
N GLU D 170 43.41 17.09 -8.54
CA GLU D 170 43.69 15.88 -9.33
C GLU D 170 42.48 15.23 -9.99
N VAL D 171 41.43 14.95 -9.21
CA VAL D 171 40.26 14.16 -9.69
C VAL D 171 38.88 14.82 -9.59
N ILE D 172 38.77 16.01 -8.99
CA ILE D 172 37.47 16.66 -8.81
C ILE D 172 37.30 17.84 -9.76
N ALA D 173 38.33 18.67 -9.90
CA ALA D 173 38.33 19.76 -10.89
C ALA D 173 38.06 19.26 -12.32
N PRO D 174 38.83 18.27 -12.81
CA PRO D 174 38.53 17.75 -14.16
C PRO D 174 37.14 17.12 -14.25
N LEU D 175 36.79 16.31 -13.25
CA LEU D 175 35.45 15.72 -13.16
C LEU D 175 34.36 16.78 -13.19
N ALA D 176 34.53 17.83 -12.39
CA ALA D 176 33.64 18.99 -12.42
C ALA D 176 33.57 19.57 -13.83
N HIS D 177 34.74 19.71 -14.47
CA HIS D 177 34.81 20.17 -15.86
C HIS D 177 34.07 19.25 -16.84
N ARG D 178 34.14 17.94 -16.61
CA ARG D 178 33.36 16.98 -17.40
C ARG D 178 31.86 17.24 -17.26
N LEU D 179 31.42 17.55 -16.03
CA LEU D 179 30.05 17.97 -15.76
C LEU D 179 29.68 19.35 -16.37
N GLY D 180 30.65 20.04 -16.97
CA GLY D 180 30.38 21.25 -17.75
C GLY D 180 29.95 22.46 -16.93
N MET D 181 30.25 22.45 -15.63
CA MET D 181 29.95 23.56 -14.75
C MET D 181 31.26 24.28 -14.44
N ALA D 182 31.46 25.44 -15.05
CA ALA D 182 32.70 26.22 -14.87
C ALA D 182 32.83 26.90 -13.50
N SER D 183 31.71 27.36 -12.92
CA SER D 183 31.72 28.03 -11.61
C SER D 183 32.16 27.10 -10.46
N VAL D 184 31.74 25.84 -10.52
CA VAL D 184 32.12 24.82 -9.53
C VAL D 184 33.63 24.55 -9.58
N LYS D 185 34.13 24.20 -10.78
CA LYS D 185 35.55 23.90 -11.00
C LYS D 185 36.45 25.08 -10.64
N TRP D 186 36.21 26.22 -11.29
CA TRP D 186 37.06 27.41 -11.12
C TRP D 186 37.32 27.73 -9.65
N GLU D 187 36.25 27.74 -8.85
CA GLU D 187 36.36 28.01 -7.41
C GLU D 187 37.16 26.91 -6.71
N LEU D 188 36.73 25.65 -6.90
CA LEU D 188 37.44 24.47 -6.37
C LEU D 188 38.95 24.52 -6.53
N GLU D 189 39.41 24.99 -7.70
CA GLU D 189 40.83 25.12 -7.99
C GLU D 189 41.50 26.22 -7.17
N ASP D 190 40.98 27.45 -7.27
CA ASP D 190 41.58 28.60 -6.56
C ASP D 190 41.84 28.32 -5.09
N LEU D 191 40.83 27.79 -4.40
CA LEU D 191 40.97 27.39 -2.99
C LEU D 191 42.10 26.37 -2.85
N SER D 192 41.99 25.29 -3.60
CA SER D 192 43.00 24.22 -3.62
C SER D 192 44.41 24.74 -3.90
N PHE D 193 44.51 25.64 -4.88
CA PHE D 193 45.78 26.22 -5.29
C PHE D 193 46.42 27.04 -4.17
N ALA D 194 45.61 27.80 -3.43
CA ALA D 194 46.09 28.58 -2.29
C ALA D 194 46.79 27.73 -1.24
N ILE D 195 46.19 26.61 -0.87
CA ILE D 195 46.71 25.75 0.20
C ILE D 195 47.97 25.01 -0.24
N LEU D 196 47.93 24.43 -1.44
CA LEU D 196 49.06 23.65 -1.99
C LEU D 196 50.32 24.48 -2.21
N HIS D 197 50.15 25.63 -2.87
CA HIS D 197 51.25 26.52 -3.22
C HIS D 197 50.94 27.93 -2.69
N PRO D 198 51.16 28.16 -1.37
CA PRO D 198 50.79 29.45 -0.74
C PRO D 198 51.55 30.66 -1.25
N LYS D 199 52.89 30.58 -1.28
CA LYS D 199 53.72 31.68 -1.76
C LYS D 199 53.58 31.92 -3.27
N LYS D 200 53.25 30.86 -4.03
CA LYS D 200 52.96 31.01 -5.45
C LYS D 200 51.62 31.71 -5.67
N TYR D 201 50.63 31.40 -4.83
CA TYR D 201 49.36 32.13 -4.80
C TYR D 201 49.61 33.59 -4.43
N GLU D 202 50.35 33.80 -3.34
CA GLU D 202 50.76 35.12 -2.89
C GLU D 202 51.44 35.92 -4.01
N GLU D 203 52.42 35.30 -4.65
CA GLU D 203 53.14 35.89 -5.79
C GLU D 203 52.15 36.42 -6.84
N ILE D 204 51.19 35.59 -7.23
CA ILE D 204 50.19 35.95 -8.25
C ILE D 204 49.29 37.10 -7.79
N VAL D 205 48.56 36.89 -6.70
CA VAL D 205 47.62 37.91 -6.17
C VAL D 205 48.32 39.26 -5.90
N ARG D 206 49.57 39.21 -5.45
CA ARG D 206 50.42 40.40 -5.31
C ARG D 206 50.76 41.00 -6.68
N LEU D 207 51.17 40.14 -7.61
CA LEU D 207 51.49 40.54 -9.00
C LEU D 207 50.26 41.08 -9.74
N VAL D 208 49.10 40.52 -9.44
CA VAL D 208 47.79 41.01 -9.90
C VAL D 208 47.52 42.41 -9.34
N ALA D 209 47.70 42.58 -8.04
CA ALA D 209 47.37 43.83 -7.32
C ALA D 209 48.18 45.07 -7.76
N GLY D 210 49.41 44.85 -8.23
CA GLY D 210 50.33 45.94 -8.59
C GLY D 210 49.83 46.86 -9.69
N ARG D 211 49.57 46.29 -10.86
CA ARG D 211 49.06 47.04 -12.03
C ARG D 211 47.52 47.16 -12.08
N ALA D 212 46.83 46.71 -11.03
CA ALA D 212 45.37 46.75 -10.94
C ALA D 212 44.71 48.11 -11.27
N PRO D 213 45.19 49.23 -10.68
CA PRO D 213 44.53 50.53 -10.98
C PRO D 213 44.60 50.97 -12.44
N SER D 214 45.79 50.84 -13.06
CA SER D 214 45.96 51.15 -14.48
C SER D 214 45.17 50.21 -15.39
N ARG D 215 45.19 48.92 -15.06
CA ARG D 215 44.50 47.89 -15.83
C ARG D 215 42.98 47.96 -15.70
N ASP D 216 42.49 48.28 -14.51
CA ASP D 216 41.05 48.43 -14.24
C ASP D 216 40.43 49.63 -14.98
N THR D 217 41.20 50.71 -15.12
CA THR D 217 40.77 51.91 -15.86
C THR D 217 40.62 51.63 -17.36
N TYR D 218 41.61 50.94 -17.91
CA TYR D 218 41.66 50.54 -19.33
C TYR D 218 40.41 49.77 -19.77
N LEU D 219 39.98 48.83 -18.93
CA LEU D 219 38.73 48.07 -19.13
C LEU D 219 37.50 48.99 -19.09
N ALA D 220 37.45 49.86 -18.06
CA ALA D 220 36.34 50.81 -17.88
C ALA D 220 36.09 51.71 -19.09
N LYS D 221 37.14 52.01 -19.85
CA LYS D 221 37.02 52.69 -21.13
C LYS D 221 36.37 51.76 -22.16
N VAL D 222 36.94 50.55 -22.31
CA VAL D 222 36.44 49.56 -23.28
C VAL D 222 34.94 49.32 -23.06
N ARG D 223 34.58 48.98 -21.82
CA ARG D 223 33.18 48.80 -21.40
C ARG D 223 32.27 49.94 -21.87
N ALA D 224 32.73 51.18 -21.68
CA ALA D 224 32.01 52.36 -22.16
C ALA D 224 31.96 52.41 -23.68
N GLU D 225 33.12 52.27 -24.30
CA GLU D 225 33.23 52.32 -25.77
C GLU D 225 32.38 51.26 -26.46
N ILE D 226 32.38 50.04 -25.91
CA ILE D 226 31.57 48.93 -26.45
C ILE D 226 30.07 49.16 -26.21
N VAL D 227 29.69 49.60 -25.00
CA VAL D 227 28.27 49.76 -24.65
C VAL D 227 27.59 50.90 -25.42
N ASN D 228 28.31 52.02 -25.64
CA ASN D 228 27.79 53.16 -26.39
C ASN D 228 27.14 52.76 -27.72
N THR D 229 27.94 52.08 -28.55
CA THR D 229 27.57 51.75 -29.92
C THR D 229 26.45 50.70 -30.05
N LEU D 230 26.43 49.73 -29.13
CA LEU D 230 25.32 48.74 -29.10
C LEU D 230 24.00 49.34 -28.61
N THR D 231 24.07 50.41 -27.81
CA THR D 231 22.89 51.17 -27.38
C THR D 231 22.33 52.01 -28.54
N ALA D 232 23.23 52.54 -29.38
CA ALA D 232 22.84 53.18 -30.64
C ALA D 232 22.27 52.14 -31.62
N SER D 233 22.93 50.99 -31.70
CA SER D 233 22.47 49.86 -32.51
C SER D 233 21.16 49.21 -32.04
N LYS D 234 20.77 49.45 -30.78
CA LYS D 234 19.56 48.87 -30.17
C LYS D 234 19.69 47.34 -30.06
N ILE D 235 20.70 46.91 -29.32
CA ILE D 235 20.90 45.50 -28.98
C ILE D 235 20.89 45.40 -27.46
N LYS D 236 19.95 44.64 -26.90
CA LYS D 236 19.90 44.39 -25.47
C LYS D 236 21.02 43.44 -25.06
N ALA D 237 21.98 43.94 -24.28
CA ALA D 237 23.14 43.14 -23.88
C ALA D 237 23.82 43.67 -22.62
N THR D 238 24.27 42.74 -21.77
CA THR D 238 25.06 43.04 -20.58
C THR D 238 26.54 42.87 -20.94
N VAL D 239 27.39 43.71 -20.34
CA VAL D 239 28.81 43.83 -20.75
C VAL D 239 29.78 43.72 -19.56
N GLU D 240 29.63 42.65 -18.78
CA GLU D 240 30.45 42.45 -17.58
C GLU D 240 31.93 42.20 -17.89
N GLY D 241 32.76 42.43 -16.88
CA GLY D 241 34.19 42.08 -16.93
C GLY D 241 34.37 40.61 -16.58
N ARG D 242 35.43 40.01 -17.10
CA ARG D 242 35.70 38.59 -16.89
C ARG D 242 36.17 38.30 -15.45
N PRO D 243 35.47 37.40 -14.72
CA PRO D 243 35.90 37.03 -13.37
C PRO D 243 37.13 36.11 -13.39
N LYS D 244 38.21 36.56 -12.74
CA LYS D 244 39.53 35.97 -12.95
C LYS D 244 39.97 34.94 -11.92
N HIS D 245 40.92 34.10 -12.35
CA HIS D 245 41.31 32.88 -11.65
C HIS D 245 42.84 32.76 -11.61
N TYR D 246 43.35 32.37 -10.44
CA TYR D 246 44.79 32.40 -10.17
C TYR D 246 45.53 31.14 -10.61
N TRP D 247 44.89 29.98 -10.48
CA TRP D 247 45.44 28.74 -11.02
C TRP D 247 45.58 28.78 -12.55
N SER D 248 44.66 29.46 -13.22
CA SER D 248 44.77 29.74 -14.66
C SER D 248 46.02 30.58 -14.93
N ILE D 249 46.14 31.69 -14.23
CA ILE D 249 47.30 32.59 -14.33
C ILE D 249 48.62 31.85 -14.06
N TYR D 250 48.60 30.93 -13.09
CA TYR D 250 49.78 30.13 -12.71
C TYR D 250 50.30 29.25 -13.86
N GLN D 251 49.40 28.46 -14.44
CA GLN D 251 49.73 27.61 -15.60
C GLN D 251 50.03 28.44 -16.85
N LYS D 252 49.20 29.46 -17.11
CA LYS D 252 49.42 30.41 -18.21
C LYS D 252 50.82 31.04 -18.17
N MET D 253 51.26 31.41 -16.97
CA MET D 253 52.65 31.87 -16.74
C MET D 253 53.66 30.75 -16.97
N ILE D 254 53.40 29.56 -16.40
CA ILE D 254 54.32 28.41 -16.49
C ILE D 254 54.71 28.06 -17.93
N VAL D 255 53.72 27.95 -18.82
CA VAL D 255 53.99 27.64 -20.24
C VAL D 255 54.72 28.78 -20.96
N LYS D 256 54.35 30.03 -20.65
CA LYS D 256 54.99 31.21 -21.24
C LYS D 256 56.38 31.49 -20.65
N GLY D 257 56.61 31.06 -19.42
CA GLY D 257 57.86 31.32 -18.71
C GLY D 257 57.82 32.66 -18.02
N ARG D 258 58.87 32.92 -17.24
CA ARG D 258 59.01 34.17 -16.49
C ARG D 258 59.19 35.33 -17.47
N ASP D 259 58.81 36.53 -17.06
CA ASP D 259 58.82 37.74 -17.89
C ASP D 259 57.68 37.81 -18.92
N PHE D 260 56.57 37.11 -18.67
CA PHE D 260 55.39 37.17 -19.53
C PHE D 260 54.64 38.49 -19.28
N ASP D 261 53.85 38.93 -20.26
CA ASP D 261 53.14 40.22 -20.18
C ASP D 261 51.96 40.17 -19.23
N ASP D 262 51.99 41.06 -18.23
CA ASP D 262 50.97 41.12 -17.17
C ASP D 262 49.80 42.04 -17.50
N ILE D 263 50.07 43.12 -18.26
CA ILE D 263 49.09 44.19 -18.49
C ILE D 263 47.87 43.71 -19.29
N HIS D 264 48.09 42.90 -20.32
CA HIS D 264 47.02 42.45 -21.24
C HIS D 264 46.48 41.03 -20.98
N ASP D 265 47.27 40.18 -20.32
CA ASP D 265 46.82 38.82 -19.97
C ASP D 265 45.60 38.81 -19.05
N LEU D 266 45.45 39.86 -18.24
CA LEU D 266 44.41 39.97 -17.23
C LEU D 266 43.23 40.91 -17.64
N VAL D 267 43.11 41.21 -18.94
CA VAL D 267 42.20 42.26 -19.43
C VAL D 267 40.86 41.75 -20.03
N GLY D 268 40.50 40.50 -19.77
CA GLY D 268 39.36 39.83 -20.42
C GLY D 268 37.98 40.42 -20.15
N VAL D 269 37.10 40.32 -21.16
CA VAL D 269 35.74 40.89 -21.12
C VAL D 269 34.73 39.86 -21.63
N ARG D 270 33.48 39.98 -21.16
CA ARG D 270 32.36 39.17 -21.66
C ARG D 270 31.18 40.03 -22.09
N ILE D 271 30.43 39.52 -23.07
CA ILE D 271 29.14 40.08 -23.47
C ILE D 271 28.07 38.99 -23.31
N LEU D 272 26.88 39.40 -22.87
CA LEU D 272 25.73 38.51 -22.70
C LEU D 272 24.56 39.05 -23.50
N CYS D 273 23.83 38.16 -24.17
CA CYS D 273 22.70 38.54 -25.03
C CYS D 273 21.47 37.66 -24.80
N ASP D 274 20.32 38.10 -25.29
CA ASP D 274 19.05 37.39 -25.09
C ASP D 274 18.93 36.18 -26.03
N GLU D 275 19.18 36.40 -27.32
CA GLU D 275 19.06 35.34 -28.34
C GLU D 275 20.29 35.26 -29.26
N ILE D 276 20.47 34.09 -29.87
CA ILE D 276 21.58 33.80 -30.81
C ILE D 276 21.86 34.90 -31.84
N ARG D 277 20.79 35.48 -32.39
CA ARG D 277 20.87 36.62 -33.30
C ARG D 277 21.75 37.74 -32.72
N ASP D 278 21.45 38.13 -31.48
CA ASP D 278 22.13 39.22 -30.80
C ASP D 278 23.60 38.91 -30.46
N CYS D 279 23.90 37.65 -30.17
CA CYS D 279 25.30 37.20 -29.97
C CYS D 279 26.17 37.46 -31.19
N TYR D 280 25.61 37.15 -32.36
CA TYR D 280 26.27 37.40 -33.63
C TYR D 280 26.34 38.91 -33.91
N ALA D 281 25.30 39.65 -33.49
CA ALA D 281 25.30 41.12 -33.56
C ALA D 281 26.40 41.79 -32.74
N ALA D 282 26.73 41.22 -31.58
CA ALA D 282 27.82 41.73 -30.74
C ALA D 282 29.15 41.73 -31.48
N VAL D 283 29.48 40.60 -32.12
CA VAL D 283 30.69 40.48 -32.96
C VAL D 283 30.75 41.63 -33.98
N GLY D 284 29.59 42.02 -34.50
CA GLY D 284 29.46 43.22 -35.32
C GLY D 284 30.05 44.46 -34.68
N VAL D 285 29.51 44.87 -33.53
CA VAL D 285 29.94 46.10 -32.86
C VAL D 285 31.40 46.06 -32.37
N VAL D 286 31.85 44.90 -31.88
CA VAL D 286 33.24 44.74 -31.42
C VAL D 286 34.20 45.05 -32.57
N HIS D 287 34.00 44.37 -33.69
CA HIS D 287 34.84 44.53 -34.89
C HIS D 287 34.79 45.95 -35.47
N SER D 288 33.64 46.61 -35.36
CA SER D 288 33.51 48.03 -35.75
C SER D 288 34.47 48.93 -34.98
N LEU D 289 34.67 48.64 -33.69
CA LEU D 289 35.53 49.44 -32.83
C LEU D 289 37.02 49.08 -32.94
N TRP D 290 37.35 47.81 -33.20
CA TRP D 290 38.74 47.35 -33.21
C TRP D 290 39.05 46.27 -34.26
N GLN D 291 40.30 46.24 -34.72
CA GLN D 291 40.73 45.29 -35.75
C GLN D 291 40.93 43.89 -35.17
N PRO D 292 40.31 42.87 -35.78
CA PRO D 292 40.43 41.50 -35.26
C PRO D 292 41.76 40.81 -35.63
N MET D 293 42.12 39.80 -34.84
CA MET D 293 43.33 38.99 -35.07
C MET D 293 42.95 37.68 -35.77
N ALA D 294 43.75 37.29 -36.76
CA ALA D 294 43.48 36.08 -37.54
C ALA D 294 43.79 34.81 -36.76
N GLY D 295 43.15 33.71 -37.14
CA GLY D 295 43.42 32.39 -36.56
C GLY D 295 43.13 32.17 -35.09
N ARG D 296 42.56 33.17 -34.40
CA ARG D 296 42.21 33.08 -32.99
C ARG D 296 40.69 33.27 -32.79
N PHE D 297 39.94 33.07 -33.87
CA PHE D 297 38.49 33.28 -33.91
C PHE D 297 37.80 31.92 -33.85
N LYS D 298 36.73 31.83 -33.06
CA LYS D 298 35.94 30.59 -32.95
C LYS D 298 34.43 30.87 -32.89
N ASP D 299 33.65 29.84 -33.20
CA ASP D 299 32.18 29.90 -33.13
C ASP D 299 31.65 28.54 -32.67
N TYR D 300 31.65 28.33 -31.35
CA TYR D 300 31.18 27.06 -30.78
C TYR D 300 29.66 26.90 -30.90
N ILE D 301 28.92 28.03 -30.98
CA ILE D 301 27.50 27.97 -31.35
C ILE D 301 27.37 27.28 -32.72
N ALA D 302 28.21 27.69 -33.66
CA ALA D 302 28.23 27.09 -35.00
C ALA D 302 28.75 25.65 -34.97
N GLN D 303 29.78 25.38 -34.16
CA GLN D 303 30.37 24.04 -34.04
C GLN D 303 30.56 23.63 -32.57
N PRO D 304 29.67 22.75 -32.05
CA PRO D 304 29.83 22.33 -30.64
C PRO D 304 30.94 21.30 -30.44
N ARG D 305 31.81 21.55 -29.47
CA ARG D 305 32.81 20.60 -29.01
C ARG D 305 32.50 20.23 -27.55
N TYR D 306 32.79 18.97 -27.19
CA TYR D 306 32.37 18.40 -25.90
C TYR D 306 30.88 18.68 -25.63
N GLY D 307 30.05 18.43 -26.63
CA GLY D 307 28.64 18.81 -26.60
C GLY D 307 28.46 20.31 -26.81
N VAL D 308 27.35 20.84 -26.30
CA VAL D 308 26.96 22.23 -26.55
C VAL D 308 27.60 23.26 -25.60
N TYR D 309 28.76 23.78 -26.00
CA TYR D 309 29.39 24.92 -25.29
C TYR D 309 28.58 26.18 -25.53
N GLN D 310 28.17 26.38 -26.79
CA GLN D 310 27.30 27.49 -27.21
C GLN D 310 27.91 28.87 -26.92
N SER D 311 29.15 29.06 -27.37
CA SER D 311 29.90 30.30 -27.11
C SER D 311 30.73 30.73 -28.32
N LEU D 312 30.90 32.05 -28.45
CA LEU D 312 31.72 32.68 -29.49
C LEU D 312 32.94 33.33 -28.82
N HIS D 313 34.14 32.96 -29.28
CA HIS D 313 35.38 33.49 -28.74
C HIS D 313 36.15 34.25 -29.82
N THR D 314 36.48 35.51 -29.55
CA THR D 314 37.25 36.35 -30.47
C THR D 314 38.28 37.21 -29.72
N THR D 315 39.42 37.42 -30.38
CA THR D 315 40.49 38.29 -29.88
C THR D 315 40.78 39.37 -30.90
N VAL D 316 40.89 40.62 -30.43
CA VAL D 316 41.12 41.78 -31.30
C VAL D 316 42.29 42.61 -30.77
N VAL D 317 42.98 43.32 -31.67
CA VAL D 317 44.03 44.26 -31.27
C VAL D 317 43.34 45.49 -30.68
N GLY D 318 43.81 45.91 -29.51
CA GLY D 318 43.03 46.78 -28.63
C GLY D 318 43.29 48.26 -28.73
N PRO D 319 42.66 49.04 -27.80
CA PRO D 319 42.78 50.52 -27.80
C PRO D 319 44.19 51.06 -27.54
N GLU D 320 45.04 50.26 -26.87
CA GLU D 320 46.47 50.54 -26.75
C GLU D 320 47.29 49.38 -27.32
N GLY D 321 46.82 48.81 -28.43
CA GLY D 321 47.45 47.66 -29.08
C GLY D 321 47.46 46.37 -28.26
N LYS D 322 46.46 46.20 -27.39
CA LYS D 322 46.39 45.05 -26.48
C LYS D 322 45.50 43.93 -27.05
N PRO D 323 46.00 42.67 -27.06
CA PRO D 323 45.11 41.55 -27.34
C PRO D 323 44.05 41.35 -26.24
N LEU D 324 42.77 41.57 -26.58
CA LEU D 324 41.66 41.53 -25.62
C LEU D 324 40.68 40.40 -25.96
N GLU D 325 40.57 39.44 -25.04
CA GLU D 325 39.76 38.23 -25.26
C GLU D 325 38.28 38.47 -24.94
N VAL D 326 37.45 38.50 -25.97
CA VAL D 326 35.99 38.69 -25.86
C VAL D 326 35.29 37.32 -25.91
N GLN D 327 34.20 37.17 -25.15
CA GLN D 327 33.50 35.89 -24.98
C GLN D 327 31.98 36.04 -24.98
N ILE D 328 31.42 36.22 -26.18
CA ILE D 328 29.97 36.45 -26.34
C ILE D 328 29.21 35.13 -26.23
N ARG D 329 28.07 35.15 -25.53
CA ARG D 329 27.20 33.97 -25.37
C ARG D 329 25.87 34.39 -24.72
N THR D 330 24.79 33.63 -24.96
CA THR D 330 23.46 34.00 -24.44
C THR D 330 23.30 33.70 -22.95
N ARG D 331 22.23 34.23 -22.37
CA ARG D 331 21.85 33.95 -20.98
C ARG D 331 21.56 32.47 -20.77
N ASP D 332 20.74 31.90 -21.66
CA ASP D 332 20.45 30.46 -21.65
C ASP D 332 21.71 29.62 -21.81
N MET D 333 22.62 30.07 -22.68
CA MET D 333 23.92 29.41 -22.88
C MET D 333 24.84 29.60 -21.68
N HIS D 334 24.74 30.76 -21.00
CA HIS D 334 25.46 31.00 -19.74
C HIS D 334 25.00 30.01 -18.67
N ARG D 335 23.68 29.90 -18.48
CA ARG D 335 23.09 28.91 -17.56
C ARG D 335 23.74 27.53 -17.68
N THR D 336 23.96 27.11 -18.93
CA THR D 336 24.65 25.86 -19.24
C THR D 336 26.13 25.95 -18.87
N ALA D 337 26.82 26.95 -19.44
CA ALA D 337 28.29 27.08 -19.39
C ALA D 337 28.90 27.09 -17.98
N GLU D 338 28.28 27.85 -17.07
CA GLU D 338 28.77 27.95 -15.70
C GLU D 338 28.20 26.87 -14.78
N TYR D 339 26.88 26.82 -14.59
CA TYR D 339 26.34 25.98 -13.51
C TYR D 339 25.65 24.62 -13.79
N GLY D 340 24.75 24.51 -14.77
CA GLY D 340 23.91 23.31 -14.91
C GLY D 340 24.05 22.47 -16.17
N ILE D 341 24.39 21.20 -16.00
CA ILE D 341 24.43 20.24 -17.10
C ILE D 341 24.29 18.81 -16.61
N ALA D 342 23.84 17.93 -17.51
CA ALA D 342 23.64 16.51 -17.22
C ALA D 342 24.70 15.56 -17.77
N ALA D 343 25.52 16.02 -18.73
CA ALA D 343 26.69 15.29 -19.23
C ALA D 343 26.36 13.98 -19.96
N HIS D 344 25.55 14.10 -21.01
CA HIS D 344 24.98 12.95 -21.72
C HIS D 344 25.94 12.17 -22.63
N TRP D 345 26.81 12.88 -23.35
CA TRP D 345 27.66 12.25 -24.38
C TRP D 345 28.95 13.03 -24.69
N ARG D 346 29.84 12.37 -25.45
CA ARG D 346 31.20 12.86 -25.78
C ARG D 346 32.18 12.78 -24.58
N TYR D 347 31.83 11.99 -23.56
CA TYR D 347 32.77 11.73 -22.46
C TYR D 347 34.00 11.09 -23.09
N LYS D 348 35.17 11.45 -22.56
CA LYS D 348 36.44 10.86 -22.99
C LYS D 348 37.34 10.58 -21.80
N GLU D 349 37.75 9.32 -21.64
CA GLU D 349 38.76 8.95 -20.65
C GLU D 349 40.08 9.65 -20.97
N ALA D 350 41.02 9.60 -20.02
CA ALA D 350 42.33 10.24 -20.16
C ALA D 350 43.40 9.52 -19.35
N LYS D 351 44.66 9.92 -19.58
CA LYS D 351 45.83 9.36 -18.91
C LYS D 351 45.94 7.85 -19.13
N ALA D 363 23.05 4.76 -11.93
CA ALA D 363 23.34 5.46 -13.18
C ALA D 363 24.61 4.91 -13.84
N GLU D 364 24.67 5.07 -15.16
CA GLU D 364 25.83 4.62 -15.96
C GLU D 364 27.12 5.41 -15.70
N ILE D 365 26.96 6.69 -15.38
CA ILE D 365 28.10 7.56 -15.12
C ILE D 365 28.93 7.10 -13.92
N ASP D 366 28.28 6.52 -12.92
CA ASP D 366 28.97 6.08 -11.70
C ASP D 366 29.99 4.96 -11.93
N ASP D 367 29.63 3.97 -12.73
CA ASP D 367 30.58 2.92 -13.13
C ASP D 367 31.64 3.51 -14.05
N MET D 368 31.20 4.46 -14.89
CA MET D 368 32.12 5.21 -15.73
C MET D 368 33.14 5.96 -14.89
N ALA D 369 32.68 6.63 -13.84
CA ALA D 369 33.56 7.40 -12.96
C ALA D 369 34.58 6.52 -12.24
N TRP D 370 34.11 5.38 -11.73
CA TRP D 370 35.01 4.46 -11.01
C TRP D 370 36.13 4.03 -11.95
N MET D 371 35.77 3.69 -13.18
CA MET D 371 36.76 3.34 -14.18
C MET D 371 37.74 4.49 -14.37
N ARG D 372 37.24 5.73 -14.41
CA ARG D 372 38.10 6.91 -14.56
C ARG D 372 39.14 7.07 -13.45
N GLN D 373 38.75 6.82 -12.19
CA GLN D 373 39.70 6.83 -11.06
C GLN D 373 40.49 5.54 -10.94
N LEU D 374 39.95 4.45 -11.51
CA LEU D 374 40.59 3.14 -11.50
C LEU D 374 40.57 2.54 -12.90
MG MG E . -10.18 -2.28 32.26
MG MG F . 30.42 -3.79 -45.93
MG MG G . 30.12 15.32 4.14
#